data_4AFL
#
_entry.id   4AFL
#
_cell.length_a   128.450
_cell.length_b   186.600
_cell.length_c   62.220
_cell.angle_alpha   90.00
_cell.angle_beta   90.00
_cell.angle_gamma   90.00
#
_symmetry.space_group_name_H-M   'C 2 2 2'
#
loop_
_entity.id
_entity.type
_entity.pdbx_description
1 polymer 'INHIBITOR OF GROWTH PROTEIN 4'
2 water water
#
_entity_poly.entity_id   1
_entity_poly.type   'polypeptide(L)'
_entity_poly.pdbx_seq_one_letter_code
;AAG(MSE)YLEHYLDSIENLPFELQRNFQL(MSE)RDLDQRTEDLKAEIDKLATEY(MSE)SSARSLSSEEKLALLKQIQ
EAYGKCKEFGDDKVQLA(MSE)QTYE(MSE)VDKHIRRLDTDLA
;
_entity_poly.pdbx_strand_id   A,B,C,D,E,F
#
# COMPACT_ATOMS: atom_id res chain seq x y z
N ALA A 2 5.27 -2.51 19.91
CA ALA A 2 4.77 -3.11 18.66
C ALA A 2 5.85 -3.88 17.90
N GLY A 3 5.48 -5.05 17.37
CA GLY A 3 6.43 -5.94 16.72
C GLY A 3 7.29 -6.64 17.76
N MSE A 4 6.84 -6.58 19.01
CA MSE A 4 7.64 -6.99 20.14
C MSE A 4 8.05 -8.45 20.17
O MSE A 4 9.23 -8.77 20.32
CB MSE A 4 6.90 -6.66 21.43
CG MSE A 4 7.74 -6.91 22.67
SE MSE A 4 6.86 -6.30 24.30
CE MSE A 4 5.44 -7.60 24.38
N TYR A 5 7.07 -9.33 20.03
CA TYR A 5 7.32 -10.75 20.17
C TYR A 5 8.23 -11.30 19.08
N LEU A 6 7.99 -10.87 17.86
CA LEU A 6 8.82 -11.28 16.73
C LEU A 6 10.24 -10.75 16.92
N GLU A 7 10.36 -9.54 17.45
CA GLU A 7 11.65 -8.94 17.67
C GLU A 7 12.44 -9.73 18.71
N HIS A 8 11.81 -10.08 19.83
CA HIS A 8 12.50 -10.83 20.89
C HIS A 8 12.90 -12.21 20.39
N TYR A 9 12.02 -12.81 19.59
CA TYR A 9 12.28 -14.10 18.98
C TYR A 9 13.48 -14.02 18.03
N LEU A 10 13.50 -13.00 17.17
CA LEU A 10 14.61 -12.81 16.25
C LEU A 10 15.87 -12.28 16.96
N ASP A 11 15.76 -11.89 18.22
CA ASP A 11 16.91 -11.36 18.98
C ASP A 11 17.97 -12.42 19.30
N SER A 12 17.54 -13.67 19.46
CA SER A 12 18.44 -14.73 19.89
C SER A 12 19.35 -15.09 18.72
N ILE A 13 20.65 -15.16 18.99
CA ILE A 13 21.61 -15.37 17.92
C ILE A 13 21.42 -16.72 17.24
N GLU A 14 20.88 -17.69 17.95
CA GLU A 14 20.57 -18.97 17.34
C GLU A 14 19.68 -18.77 16.12
N ASN A 15 18.80 -17.79 16.18
CA ASN A 15 17.92 -17.54 15.02
C ASN A 15 18.55 -16.72 13.90
N LEU A 16 19.72 -16.14 14.14
CA LEU A 16 20.34 -15.28 13.12
C LEU A 16 20.54 -15.94 11.75
N PRO A 17 21.22 -17.10 11.70
CA PRO A 17 21.44 -17.67 10.36
C PRO A 17 20.14 -17.97 9.62
N PHE A 18 19.07 -18.27 10.34
CA PHE A 18 17.78 -18.56 9.73
C PHE A 18 17.16 -17.30 9.16
N GLU A 19 17.25 -16.20 9.90
CA GLU A 19 16.65 -14.97 9.43
C GLU A 19 17.49 -14.43 8.27
N LEU A 20 18.80 -14.56 8.37
CA LEU A 20 19.69 -14.17 7.29
C LEU A 20 19.29 -14.85 5.98
N GLN A 21 19.16 -16.16 6.02
CA GLN A 21 18.79 -16.92 4.84
C GLN A 21 17.47 -16.40 4.28
N ARG A 22 16.55 -16.06 5.17
CA ARG A 22 15.27 -15.50 4.79
C ARG A 22 15.49 -14.23 3.98
N ASN A 23 16.29 -13.32 4.53
CA ASN A 23 16.58 -12.07 3.87
C ASN A 23 17.36 -12.23 2.57
N PHE A 24 18.23 -13.22 2.53
CA PHE A 24 18.95 -13.47 1.29
C PHE A 24 17.97 -13.85 0.16
N GLN A 25 16.90 -14.55 0.51
CA GLN A 25 15.90 -14.96 -0.49
C GLN A 25 15.08 -13.78 -1.00
N LEU A 26 14.70 -12.87 -0.11
CA LEU A 26 13.95 -11.69 -0.52
C LEU A 26 14.80 -10.90 -1.51
N MSE A 27 16.09 -10.79 -1.20
CA MSE A 27 17.05 -10.08 -2.02
C MSE A 27 17.13 -10.69 -3.41
O MSE A 27 17.01 -10.00 -4.42
CB MSE A 27 18.43 -10.15 -1.39
CG MSE A 27 19.46 -9.31 -2.10
SE MSE A 27 18.95 -7.39 -2.07
CE MSE A 27 19.82 -6.91 -0.37
N ARG A 28 17.34 -12.00 -3.46
CA ARG A 28 17.39 -12.73 -4.71
C ARG A 28 16.13 -12.47 -5.54
N ASP A 29 14.99 -12.38 -4.86
CA ASP A 29 13.73 -12.07 -5.53
C ASP A 29 13.74 -10.67 -6.14
N LEU A 30 14.19 -9.69 -5.36
CA LEU A 30 14.24 -8.33 -5.84
C LEU A 30 15.27 -8.22 -6.95
N ASP A 31 16.30 -9.07 -6.87
CA ASP A 31 17.35 -9.04 -7.86
C ASP A 31 16.81 -9.50 -9.21
N GLN A 32 15.98 -10.53 -9.19
CA GLN A 32 15.43 -11.07 -10.42
C GLN A 32 14.59 -10.02 -11.13
N ARG A 33 13.91 -9.18 -10.36
CA ARG A 33 13.06 -8.16 -10.94
C ARG A 33 13.88 -7.05 -11.61
N THR A 34 14.98 -6.64 -10.98
CA THR A 34 15.83 -5.63 -11.60
C THR A 34 16.64 -6.18 -12.76
N GLU A 35 16.93 -7.49 -12.73
CA GLU A 35 17.58 -8.10 -13.88
C GLU A 35 16.62 -8.06 -15.07
N ASP A 36 15.33 -8.21 -14.78
CA ASP A 36 14.32 -8.20 -15.85
C ASP A 36 14.15 -6.80 -16.43
N LEU A 37 14.06 -5.81 -15.56
CA LEU A 37 13.88 -4.43 -15.99
C LEU A 37 15.11 -3.99 -16.77
N LYS A 38 16.26 -4.46 -16.34
CA LYS A 38 17.49 -4.07 -16.99
C LYS A 38 17.60 -4.69 -18.39
N ALA A 39 17.04 -5.89 -18.56
CA ALA A 39 16.91 -6.50 -19.87
C ALA A 39 15.99 -5.67 -20.75
N GLU A 40 14.89 -5.18 -20.19
CA GLU A 40 13.98 -4.33 -20.95
C GLU A 40 14.67 -3.03 -21.40
N ILE A 41 15.43 -2.42 -20.49
CA ILE A 41 16.16 -1.18 -20.79
C ILE A 41 17.18 -1.42 -21.89
N ASP A 42 17.90 -2.54 -21.77
CA ASP A 42 18.90 -2.89 -22.76
C ASP A 42 18.30 -3.07 -24.16
N LYS A 43 17.16 -3.74 -24.27
CA LYS A 43 16.49 -3.85 -25.56
C LYS A 43 16.06 -2.47 -26.08
N LEU A 44 15.62 -1.61 -25.17
CA LEU A 44 15.22 -0.26 -25.56
C LEU A 44 16.41 0.54 -26.05
N ALA A 45 17.51 0.45 -25.32
CA ALA A 45 18.74 1.14 -25.69
C ALA A 45 19.17 0.70 -27.08
N THR A 46 19.08 -0.60 -27.33
CA THR A 46 19.50 -1.16 -28.60
C THR A 46 18.59 -0.67 -29.71
N GLU A 47 17.30 -0.57 -29.44
CA GLU A 47 16.39 0.02 -30.41
C GLU A 47 16.83 1.45 -30.71
N TYR A 48 16.86 2.27 -29.66
CA TYR A 48 17.31 3.66 -29.77
C TYR A 48 18.62 3.77 -30.55
N MSE A 49 19.57 2.88 -30.29
CA MSE A 49 20.88 2.96 -30.92
C MSE A 49 20.98 2.27 -32.28
O MSE A 49 22.02 2.32 -32.93
CB MSE A 49 21.96 2.38 -30.00
CG MSE A 49 22.16 3.12 -28.69
SE MSE A 49 21.99 5.06 -28.87
CE MSE A 49 22.70 5.57 -27.12
N SER A 50 19.90 1.61 -32.71
CA SER A 50 19.97 0.73 -33.88
C SER A 50 20.11 1.46 -35.22
N SER A 51 20.02 2.78 -35.17
CA SER A 51 20.17 3.60 -36.36
C SER A 51 20.57 5.00 -35.98
N ALA A 52 21.16 5.72 -36.93
CA ALA A 52 21.56 7.11 -36.70
C ALA A 52 20.58 8.09 -37.35
N ARG A 53 19.60 7.57 -38.07
CA ARG A 53 18.61 8.41 -38.74
C ARG A 53 17.78 9.21 -37.73
N SER A 54 17.47 10.44 -38.05
CA SER A 54 16.67 11.27 -37.15
C SER A 54 15.33 10.58 -36.83
N LEU A 55 14.95 10.69 -35.57
CA LEU A 55 13.65 10.24 -35.05
C LEU A 55 12.81 11.47 -34.85
N SER A 56 11.57 11.47 -35.37
CA SER A 56 10.71 12.62 -35.12
C SER A 56 10.40 12.65 -33.63
N SER A 57 9.93 13.79 -33.15
CA SER A 57 9.84 14.02 -31.71
C SER A 57 8.90 13.02 -31.04
N GLU A 58 7.89 12.55 -31.77
CA GLU A 58 6.95 11.57 -31.21
C GLU A 58 7.55 10.19 -31.09
N GLU A 59 8.41 9.82 -32.05
CA GLU A 59 9.03 8.49 -32.01
C GLU A 59 10.10 8.45 -30.93
N LYS A 60 10.85 9.53 -30.79
CA LYS A 60 11.83 9.60 -29.71
C LYS A 60 11.11 9.63 -28.35
N LEU A 61 10.06 10.42 -28.26
CA LEU A 61 9.27 10.53 -27.03
C LEU A 61 8.83 9.14 -26.57
N ALA A 62 8.26 8.36 -27.48
CA ALA A 62 7.75 7.05 -27.10
C ALA A 62 8.85 6.13 -26.56
N LEU A 63 10.07 6.30 -27.04
CA LEU A 63 11.17 5.46 -26.57
C LEU A 63 11.57 5.91 -25.17
N LEU A 64 11.75 7.21 -25.01
CA LEU A 64 12.18 7.78 -23.76
C LEU A 64 11.21 7.45 -22.62
N LYS A 65 9.90 7.50 -22.88
CA LYS A 65 8.91 7.17 -21.85
C LYS A 65 9.06 5.72 -21.40
N GLN A 66 9.32 4.84 -22.35
CA GLN A 66 9.56 3.46 -21.98
C GLN A 66 10.83 3.35 -21.16
N ILE A 67 11.89 4.05 -21.58
CA ILE A 67 13.16 3.96 -20.88
C ILE A 67 12.99 4.51 -19.48
N GLN A 68 12.34 5.67 -19.40
CA GLN A 68 12.10 6.32 -18.13
C GLN A 68 11.27 5.44 -17.19
N GLU A 69 10.20 4.87 -17.71
CA GLU A 69 9.29 4.08 -16.88
C GLU A 69 10.03 2.88 -16.26
N ALA A 70 10.89 2.25 -17.07
CA ALA A 70 11.67 1.11 -16.62
C ALA A 70 12.65 1.56 -15.55
N TYR A 71 13.23 2.75 -15.74
CA TYR A 71 14.16 3.26 -14.75
C TYR A 71 13.46 3.65 -13.46
N GLY A 72 12.24 4.14 -13.56
CA GLY A 72 11.46 4.50 -12.39
C GLY A 72 11.16 3.26 -11.56
N LYS A 73 10.91 2.14 -12.23
CA LYS A 73 10.65 0.89 -11.51
C LYS A 73 11.94 0.30 -10.94
N CYS A 74 13.05 0.55 -11.63
CA CYS A 74 14.34 0.10 -11.14
C CYS A 74 14.67 0.82 -9.84
N LYS A 75 14.45 2.13 -9.83
CA LYS A 75 14.75 2.94 -8.66
C LYS A 75 13.96 2.47 -7.42
N GLU A 76 12.70 2.12 -7.62
CA GLU A 76 11.86 1.67 -6.51
C GLU A 76 12.40 0.38 -5.92
N PHE A 77 12.81 -0.53 -6.81
CA PHE A 77 13.32 -1.81 -6.37
C PHE A 77 14.65 -1.61 -5.64
N GLY A 78 15.45 -0.68 -6.13
CA GLY A 78 16.64 -0.27 -5.44
C GLY A 78 16.33 0.21 -4.03
N ASP A 79 15.27 1.01 -3.88
CA ASP A 79 14.85 1.46 -2.56
C ASP A 79 14.61 0.27 -1.65
N ASP A 80 13.89 -0.72 -2.17
CA ASP A 80 13.61 -1.95 -1.46
C ASP A 80 14.86 -2.78 -1.11
N LYS A 81 15.87 -2.79 -1.99
CA LYS A 81 17.07 -3.58 -1.71
C LYS A 81 17.90 -2.89 -0.66
N VAL A 82 17.94 -1.57 -0.74
CA VAL A 82 18.67 -0.76 0.22
C VAL A 82 18.08 -0.92 1.62
N GLN A 83 16.76 -0.81 1.73
CA GLN A 83 16.08 -1.04 3.01
C GLN A 83 16.45 -2.41 3.58
N LEU A 84 16.26 -3.45 2.76
CA LEU A 84 16.53 -4.81 3.17
C LEU A 84 17.99 -4.97 3.59
N ALA A 85 18.90 -4.39 2.81
CA ALA A 85 20.31 -4.43 3.16
C ALA A 85 20.55 -3.77 4.50
N MSE A 86 19.96 -2.59 4.71
CA MSE A 86 20.08 -1.91 6.00
C MSE A 86 19.61 -2.82 7.12
O MSE A 86 20.29 -2.96 8.12
CB MSE A 86 19.24 -0.65 6.04
CG MSE A 86 19.79 0.47 5.20
SE MSE A 86 18.68 2.04 5.36
CE MSE A 86 18.92 2.36 7.31
N GLN A 87 18.44 -3.42 6.93
CA GLN A 87 17.86 -4.25 7.98
C GLN A 87 18.73 -5.46 8.30
N THR A 88 19.29 -6.09 7.26
CA THR A 88 20.17 -7.23 7.47
C THR A 88 21.40 -6.76 8.22
N TYR A 89 21.90 -5.61 7.79
CA TYR A 89 23.09 -5.01 8.38
C TYR A 89 22.84 -4.79 9.87
N GLU A 90 21.71 -4.16 10.20
CA GLU A 90 21.42 -3.85 11.59
C GLU A 90 21.26 -5.09 12.47
N MSE A 91 20.58 -6.10 11.95
CA MSE A 91 20.47 -7.37 12.66
C MSE A 91 21.82 -7.94 13.02
O MSE A 91 22.10 -8.27 14.18
CB MSE A 91 19.73 -8.37 11.79
CG MSE A 91 18.46 -8.87 12.40
SE MSE A 91 18.21 -10.68 11.82
CE MSE A 91 18.49 -10.41 9.93
N VAL A 92 22.69 -8.08 12.01
CA VAL A 92 24.01 -8.66 12.25
C VAL A 92 24.78 -7.75 13.19
N ASP A 93 24.61 -6.43 13.04
CA ASP A 93 25.36 -5.50 13.87
C ASP A 93 25.03 -5.66 15.35
N LYS A 94 23.76 -5.88 15.66
CA LYS A 94 23.34 -6.07 17.07
C LYS A 94 24.11 -7.21 17.76
N HIS A 95 24.26 -8.32 17.05
CA HIS A 95 25.01 -9.46 17.57
C HIS A 95 26.51 -9.14 17.66
N ILE A 96 27.02 -8.42 16.67
CA ILE A 96 28.40 -7.97 16.71
C ILE A 96 28.69 -7.11 17.94
N ARG A 97 27.81 -6.16 18.24
CA ARG A 97 27.99 -5.35 19.44
C ARG A 97 27.94 -6.20 20.70
N ARG A 98 27.13 -7.25 20.70
CA ARG A 98 27.02 -8.13 21.85
C ARG A 98 28.32 -8.90 22.08
N LEU A 99 28.81 -9.53 21.02
CA LEU A 99 30.09 -10.23 21.09
C LEU A 99 31.22 -9.30 21.50
N ASP A 100 31.23 -8.09 20.96
CA ASP A 100 32.24 -7.09 21.32
C ASP A 100 32.24 -6.79 22.82
N THR A 101 31.08 -6.45 23.38
CA THR A 101 31.00 -6.21 24.81
C THR A 101 31.37 -7.47 25.59
N ASP A 102 31.07 -8.64 25.02
CA ASP A 102 31.48 -9.90 25.65
C ASP A 102 33.00 -10.10 25.57
N LEU A 103 33.64 -9.49 24.59
CA LEU A 103 35.08 -9.69 24.38
C LEU A 103 35.95 -8.51 24.83
N GLY B 3 -28.84 -9.48 5.25
CA GLY B 3 -30.17 -9.72 5.77
C GLY B 3 -30.95 -8.43 5.89
N MSE B 4 -31.87 -8.20 4.97
CA MSE B 4 -32.54 -6.92 4.84
C MSE B 4 -33.38 -6.47 6.05
O MSE B 4 -33.43 -5.29 6.38
CB MSE B 4 -33.42 -6.95 3.61
CG MSE B 4 -34.44 -5.83 3.55
SE MSE B 4 -35.26 -5.75 1.78
CE MSE B 4 -35.99 -7.56 1.72
N TYR B 5 -34.06 -7.42 6.69
CA TYR B 5 -34.87 -7.06 7.85
C TYR B 5 -33.98 -6.84 9.04
N LEU B 6 -32.98 -7.69 9.19
CA LEU B 6 -32.00 -7.51 10.25
C LEU B 6 -31.32 -6.16 10.08
N GLU B 7 -30.86 -5.91 8.85
CA GLU B 7 -30.17 -4.67 8.53
C GLU B 7 -31.00 -3.46 8.92
N HIS B 8 -32.30 -3.52 8.66
CA HIS B 8 -33.18 -2.42 9.05
C HIS B 8 -33.24 -2.24 10.56
N TYR B 9 -33.29 -3.36 11.30
CA TYR B 9 -33.19 -3.34 12.76
C TYR B 9 -31.85 -2.70 13.19
N LEU B 10 -30.75 -3.15 12.59
CA LEU B 10 -29.42 -2.67 12.94
C LEU B 10 -29.22 -1.20 12.57
N ASP B 11 -30.05 -0.70 11.65
CA ASP B 11 -29.93 0.68 11.16
C ASP B 11 -30.59 1.68 12.09
N SER B 12 -31.30 1.18 13.08
CA SER B 12 -32.02 2.03 14.02
C SER B 12 -31.07 2.53 15.09
N ILE B 13 -31.08 3.82 15.32
CA ILE B 13 -30.17 4.44 16.27
C ILE B 13 -30.38 3.92 17.69
N GLU B 14 -31.63 3.67 18.05
CA GLU B 14 -31.94 3.22 19.40
C GLU B 14 -31.39 1.81 19.70
N ASN B 15 -31.08 1.07 18.66
CA ASN B 15 -30.54 -0.28 18.82
C ASN B 15 -29.01 -0.29 18.92
N LEU B 16 -28.37 0.77 18.45
CA LEU B 16 -26.92 0.83 18.35
C LEU B 16 -26.17 0.33 19.59
N PRO B 17 -26.45 0.92 20.77
CA PRO B 17 -25.66 0.54 21.95
C PRO B 17 -25.81 -0.95 22.29
N PHE B 18 -27.00 -1.48 22.09
CA PHE B 18 -27.22 -2.88 22.40
C PHE B 18 -26.46 -3.76 21.42
N GLU B 19 -26.51 -3.41 20.14
CA GLU B 19 -25.78 -4.16 19.13
C GLU B 19 -24.26 -4.00 19.30
N LEU B 20 -23.80 -2.81 19.65
CA LEU B 20 -22.38 -2.62 19.96
C LEU B 20 -21.96 -3.57 21.08
N GLN B 21 -22.74 -3.61 22.16
CA GLN B 21 -22.42 -4.50 23.30
C GLN B 21 -22.56 -5.97 22.91
N ARG B 22 -23.57 -6.27 22.10
CA ARG B 22 -23.78 -7.62 21.64
C ARG B 22 -22.56 -8.09 20.82
N ASN B 23 -22.13 -7.27 19.88
CA ASN B 23 -20.97 -7.60 19.06
C ASN B 23 -19.68 -7.78 19.88
N PHE B 24 -19.53 -6.97 20.92
CA PHE B 24 -18.34 -7.05 21.77
C PHE B 24 -18.28 -8.38 22.49
N GLN B 25 -19.44 -8.86 22.95
CA GLN B 25 -19.53 -10.17 23.59
C GLN B 25 -19.30 -11.32 22.63
N LEU B 26 -19.89 -11.22 21.44
CA LEU B 26 -19.65 -12.21 20.37
C LEU B 26 -18.17 -12.31 20.08
N MSE B 27 -17.49 -11.18 20.11
CA MSE B 27 -16.07 -11.13 19.82
C MSE B 27 -15.24 -11.81 20.92
O MSE B 27 -14.29 -12.53 20.62
CB MSE B 27 -15.59 -9.69 19.65
CG MSE B 27 -14.12 -9.62 19.24
SE MSE B 27 -13.84 -10.18 17.36
CE MSE B 27 -14.53 -8.60 16.42
N ARG B 28 -15.61 -11.61 22.18
CA ARG B 28 -14.94 -12.30 23.29
C ARG B 28 -15.09 -13.81 23.20
N ASP B 29 -16.25 -14.30 22.75
CA ASP B 29 -16.47 -15.73 22.57
C ASP B 29 -15.55 -16.27 21.47
N LEU B 30 -15.47 -15.52 20.38
CA LEU B 30 -14.58 -15.87 19.29
C LEU B 30 -13.12 -15.86 19.77
N ASP B 31 -12.73 -14.81 20.50
CA ASP B 31 -11.37 -14.70 21.05
C ASP B 31 -11.03 -15.88 21.95
N GLN B 32 -12.01 -16.35 22.69
CA GLN B 32 -11.82 -17.50 23.56
C GLN B 32 -11.57 -18.74 22.73
N ARG B 33 -12.31 -18.89 21.63
CA ARG B 33 -12.11 -20.04 20.76
C ARG B 33 -10.70 -20.06 20.17
N THR B 34 -10.23 -18.90 19.73
CA THR B 34 -8.91 -18.83 19.11
C THR B 34 -7.80 -18.92 20.15
N GLU B 35 -8.07 -18.42 21.36
CA GLU B 35 -7.07 -18.53 22.42
C GLU B 35 -6.87 -20.00 22.73
N ASP B 36 -7.98 -20.72 22.88
CA ASP B 36 -7.96 -22.15 23.17
C ASP B 36 -7.24 -22.91 22.06
N LEU B 37 -7.53 -22.55 20.81
CA LEU B 37 -6.89 -23.18 19.67
C LEU B 37 -5.41 -22.86 19.64
N LYS B 38 -5.06 -21.63 20.01
CA LYS B 38 -3.65 -21.23 19.96
C LYS B 38 -2.82 -21.99 20.99
N ALA B 39 -3.44 -22.35 22.10
CA ALA B 39 -2.73 -23.10 23.11
C ALA B 39 -2.54 -24.54 22.63
N GLU B 40 -3.53 -25.08 21.91
CA GLU B 40 -3.38 -26.41 21.33
C GLU B 40 -2.30 -26.39 20.26
N ILE B 41 -2.26 -25.32 19.48
CA ILE B 41 -1.25 -25.23 18.43
C ILE B 41 0.14 -25.19 19.05
N ASP B 42 0.33 -24.26 19.99
CA ASP B 42 1.59 -24.09 20.67
C ASP B 42 2.08 -25.41 21.28
N LYS B 43 1.17 -26.10 21.96
CA LYS B 43 1.46 -27.41 22.51
C LYS B 43 1.93 -28.37 21.43
N LEU B 44 1.14 -28.49 20.37
CA LEU B 44 1.47 -29.40 19.27
C LEU B 44 2.79 -29.02 18.64
N ALA B 45 2.97 -27.74 18.39
CA ALA B 45 4.20 -27.24 17.75
C ALA B 45 5.41 -27.42 18.68
N THR B 46 5.23 -27.19 19.98
CA THR B 46 6.32 -27.40 20.91
C THR B 46 6.73 -28.86 20.88
N GLU B 47 5.74 -29.74 20.87
CA GLU B 47 6.00 -31.16 20.82
C GLU B 47 6.79 -31.51 19.56
N TYR B 48 6.34 -30.98 18.42
CA TYR B 48 7.02 -31.22 17.16
C TYR B 48 8.44 -30.69 17.20
N MSE B 49 8.60 -29.45 17.62
CA MSE B 49 9.91 -28.81 17.61
C MSE B 49 10.86 -29.37 18.65
O MSE B 49 12.06 -29.14 18.58
CB MSE B 49 9.78 -27.30 17.80
CG MSE B 49 9.01 -26.65 16.68
SE MSE B 49 8.65 -24.77 17.02
CE MSE B 49 7.75 -24.86 18.75
N SER B 50 10.32 -30.10 19.63
CA SER B 50 11.14 -30.69 20.69
C SER B 50 11.80 -31.98 20.26
N SER B 51 10.99 -32.87 19.66
CA SER B 51 11.50 -34.13 19.15
C SER B 51 12.09 -33.90 17.76
N ALA B 52 11.20 -33.81 16.76
CA ALA B 52 11.58 -33.55 15.37
C ALA B 52 12.49 -34.61 14.75
N ARG B 53 13.62 -34.90 15.39
CA ARG B 53 14.55 -35.92 14.89
C ARG B 53 14.21 -37.33 15.40
N SER B 54 13.84 -37.45 16.67
CA SER B 54 13.48 -38.74 17.26
C SER B 54 12.06 -39.19 16.85
N LEU B 55 11.63 -38.74 15.67
CA LEU B 55 10.30 -39.06 15.17
C LEU B 55 10.36 -39.63 13.77
N SER B 56 9.67 -40.75 13.57
CA SER B 56 9.47 -41.32 12.25
C SER B 56 8.60 -40.38 11.43
N SER B 57 8.60 -40.58 10.12
CA SER B 57 7.77 -39.77 9.25
C SER B 57 6.29 -39.93 9.61
N GLU B 58 5.90 -41.14 10.00
CA GLU B 58 4.54 -41.40 10.47
C GLU B 58 4.18 -40.46 11.62
N GLU B 59 5.10 -40.32 12.56
CA GLU B 59 4.89 -39.47 13.71
C GLU B 59 4.89 -37.98 13.35
N LYS B 60 5.82 -37.58 12.49
CA LYS B 60 5.90 -36.20 12.02
C LYS B 60 4.66 -35.82 11.21
N LEU B 61 4.20 -36.74 10.36
CA LEU B 61 3.06 -36.48 9.50
C LEU B 61 1.81 -36.23 10.34
N ALA B 62 1.51 -37.17 11.23
CA ALA B 62 0.34 -37.08 12.09
C ALA B 62 0.38 -35.80 12.93
N LEU B 63 1.57 -35.41 13.33
CA LEU B 63 1.74 -34.21 14.15
C LEU B 63 1.51 -32.93 13.32
N LEU B 64 2.08 -32.92 12.13
CA LEU B 64 1.91 -31.80 11.23
C LEU B 64 0.47 -31.65 10.77
N LYS B 65 -0.20 -32.77 10.47
CA LYS B 65 -1.61 -32.72 10.10
C LYS B 65 -2.43 -32.01 11.18
N GLN B 66 -2.11 -32.29 12.44
CA GLN B 66 -2.87 -31.71 13.54
C GLN B 66 -2.67 -30.22 13.62
N ILE B 67 -1.43 -29.79 13.44
CA ILE B 67 -1.10 -28.37 13.42
C ILE B 67 -1.80 -27.67 12.27
N GLN B 68 -1.82 -28.32 11.11
CA GLN B 68 -2.46 -27.74 9.96
C GLN B 68 -3.94 -27.61 10.20
N GLU B 69 -4.54 -28.70 10.71
CA GLU B 69 -5.96 -28.72 10.98
C GLU B 69 -6.32 -27.58 11.93
N ALA B 70 -5.46 -27.38 12.93
CA ALA B 70 -5.71 -26.40 13.96
C ALA B 70 -5.61 -24.97 13.44
N TYR B 71 -4.67 -24.74 12.52
CA TYR B 71 -4.51 -23.46 11.88
C TYR B 71 -5.65 -23.22 10.90
N GLY B 72 -6.13 -24.30 10.31
CA GLY B 72 -7.29 -24.23 9.44
C GLY B 72 -8.50 -23.75 10.24
N LYS B 73 -8.70 -24.30 11.43
CA LYS B 73 -9.83 -23.85 12.26
C LYS B 73 -9.59 -22.44 12.80
N CYS B 74 -8.33 -22.06 12.96
CA CYS B 74 -8.02 -20.75 13.49
C CYS B 74 -8.39 -19.72 12.45
N LYS B 75 -7.97 -19.99 11.22
CA LYS B 75 -8.33 -19.18 10.06
C LYS B 75 -9.83 -18.94 10.00
N GLU B 76 -10.61 -20.00 10.20
CA GLU B 76 -12.06 -19.86 10.06
C GLU B 76 -12.62 -18.93 11.12
N PHE B 77 -12.03 -18.98 12.30
CA PHE B 77 -12.47 -18.07 13.36
C PHE B 77 -12.01 -16.64 13.03
N GLY B 78 -10.82 -16.52 12.43
CA GLY B 78 -10.33 -15.26 11.91
C GLY B 78 -11.34 -14.62 10.99
N ASP B 79 -11.80 -15.38 10.00
CA ASP B 79 -12.90 -14.95 9.13
C ASP B 79 -14.08 -14.41 9.93
N ASP B 80 -14.44 -15.12 10.98
CA ASP B 80 -15.59 -14.74 11.77
C ASP B 80 -15.35 -13.42 12.48
N LYS B 81 -14.14 -13.21 12.97
CA LYS B 81 -13.88 -11.96 13.70
C LYS B 81 -13.86 -10.83 12.71
N VAL B 82 -13.29 -11.11 11.55
CA VAL B 82 -13.23 -10.15 10.48
C VAL B 82 -14.62 -9.75 10.03
N GLN B 83 -15.47 -10.75 9.77
CA GLN B 83 -16.85 -10.46 9.37
C GLN B 83 -17.58 -9.65 10.46
N LEU B 84 -17.35 -10.00 11.71
CA LEU B 84 -17.99 -9.30 12.81
C LEU B 84 -17.53 -7.85 12.89
N ALA B 85 -16.22 -7.65 12.68
CA ALA B 85 -15.63 -6.31 12.77
C ALA B 85 -16.17 -5.44 11.65
N MSE B 86 -16.19 -6.02 10.47
CA MSE B 86 -16.75 -5.36 9.31
C MSE B 86 -18.19 -4.94 9.49
O MSE B 86 -18.59 -3.85 9.07
CB MSE B 86 -16.71 -6.31 8.12
CG MSE B 86 -15.36 -6.44 7.51
SE MSE B 86 -15.47 -7.48 5.87
CE MSE B 86 -16.95 -6.58 5.00
N GLN B 87 -18.99 -5.82 10.10
CA GLN B 87 -20.42 -5.51 10.15
C GLN B 87 -20.66 -4.41 11.18
N THR B 88 -19.84 -4.37 12.23
CA THR B 88 -19.94 -3.30 13.22
C THR B 88 -19.48 -2.00 12.60
N TYR B 89 -18.41 -2.07 11.82
CA TYR B 89 -17.87 -0.90 11.10
C TYR B 89 -18.91 -0.31 10.16
N GLU B 90 -19.61 -1.17 9.42
CA GLU B 90 -20.58 -0.69 8.44
C GLU B 90 -21.81 -0.12 9.15
N MSE B 91 -22.18 -0.74 10.24
CA MSE B 91 -23.33 -0.29 11.00
C MSE B 91 -23.07 1.05 11.66
O MSE B 91 -23.94 1.94 11.66
CB MSE B 91 -23.69 -1.33 12.05
CG MSE B 91 -24.76 -0.84 12.99
SE MSE B 91 -25.03 -2.01 14.53
CE MSE B 91 -23.21 -2.04 15.28
N VAL B 92 -21.89 1.22 12.24
CA VAL B 92 -21.53 2.49 12.85
C VAL B 92 -21.40 3.55 11.77
N ASP B 93 -20.85 3.17 10.62
CA ASP B 93 -20.64 4.11 9.52
C ASP B 93 -21.92 4.71 8.94
N LYS B 94 -23.00 3.92 8.91
CA LYS B 94 -24.27 4.41 8.40
C LYS B 94 -24.75 5.53 9.28
N HIS B 95 -24.61 5.34 10.58
CA HIS B 95 -25.02 6.38 11.53
C HIS B 95 -24.12 7.60 11.45
N ILE B 96 -22.83 7.38 11.21
CA ILE B 96 -21.88 8.49 11.18
C ILE B 96 -22.16 9.41 10.00
N ARG B 97 -22.47 8.80 8.85
CA ARG B 97 -22.77 9.54 7.64
C ARG B 97 -24.07 10.33 7.77
N ARG B 98 -25.11 9.69 8.31
CA ARG B 98 -26.39 10.35 8.52
C ARG B 98 -26.30 11.52 9.50
N LEU B 99 -25.45 11.40 10.52
CA LEU B 99 -25.27 12.49 11.47
C LEU B 99 -24.45 13.63 10.89
N ASP B 100 -24.07 13.51 9.61
CA ASP B 100 -23.38 14.58 8.88
C ASP B 100 -24.17 15.02 7.66
N GLY C 3 27.69 22.22 -9.61
CA GLY C 3 27.82 21.28 -10.70
C GLY C 3 27.10 21.82 -11.91
N MSE C 4 27.09 23.15 -12.04
CA MSE C 4 26.39 23.85 -13.11
C MSE C 4 26.83 23.42 -14.52
O MSE C 4 25.98 23.11 -15.36
CB MSE C 4 26.58 25.35 -12.93
CG MSE C 4 25.94 26.20 -14.01
SE MSE C 4 26.02 28.11 -13.61
CE MSE C 4 27.96 28.39 -13.64
N TYR C 5 28.12 23.39 -14.76
CA TYR C 5 28.60 23.12 -16.11
C TYR C 5 28.31 21.67 -16.54
N LEU C 6 28.51 20.73 -15.63
CA LEU C 6 28.17 19.33 -15.91
C LEU C 6 26.66 19.19 -16.12
N GLU C 7 25.88 19.83 -15.26
CA GLU C 7 24.42 19.76 -15.37
C GLU C 7 23.95 20.30 -16.72
N HIS C 8 24.53 21.41 -17.15
CA HIS C 8 24.26 21.95 -18.49
C HIS C 8 24.59 20.89 -19.54
N TYR C 9 25.75 20.27 -19.39
CA TYR C 9 26.18 19.19 -20.28
C TYR C 9 25.22 18.00 -20.25
N LEU C 10 24.81 17.57 -19.06
CA LEU C 10 23.89 16.45 -18.96
C LEU C 10 22.54 16.74 -19.59
N ASP C 11 22.17 18.02 -19.65
CA ASP C 11 20.86 18.41 -20.16
C ASP C 11 20.86 18.76 -21.64
N SER C 12 22.03 18.77 -22.25
CA SER C 12 22.11 19.07 -23.68
C SER C 12 21.55 17.90 -24.48
N ILE C 13 20.65 18.23 -25.39
CA ILE C 13 20.00 17.24 -26.25
C ILE C 13 20.93 16.22 -26.91
N GLU C 14 22.02 16.68 -27.53
CA GLU C 14 22.97 15.79 -28.21
C GLU C 14 23.69 14.84 -27.28
N ASN C 15 23.76 15.18 -25.99
CA ASN C 15 24.48 14.35 -25.04
C ASN C 15 23.62 13.26 -24.46
N LEU C 16 22.32 13.35 -24.68
CA LEU C 16 21.40 12.34 -24.15
C LEU C 16 21.77 10.88 -24.48
N PRO C 17 21.96 10.54 -25.77
CA PRO C 17 22.26 9.12 -26.03
C PRO C 17 23.57 8.67 -25.36
N PHE C 18 24.64 9.43 -25.51
CA PHE C 18 25.91 9.10 -24.83
C PHE C 18 25.79 8.93 -23.31
N GLU C 19 25.06 9.82 -22.66
CA GLU C 19 25.01 9.81 -21.20
C GLU C 19 24.11 8.68 -20.73
N LEU C 20 23.08 8.39 -21.52
CA LEU C 20 22.18 7.29 -21.23
C LEU C 20 22.93 5.97 -21.23
N GLN C 21 23.75 5.76 -22.26
CA GLN C 21 24.45 4.50 -22.39
C GLN C 21 25.55 4.39 -21.33
N ARG C 22 26.17 5.52 -21.04
CA ARG C 22 27.19 5.60 -20.02
C ARG C 22 26.60 5.21 -18.66
N ASN C 23 25.44 5.78 -18.33
CA ASN C 23 24.73 5.43 -17.11
C ASN C 23 24.42 3.95 -17.06
N PHE C 24 24.01 3.38 -18.19
CA PHE C 24 23.70 1.96 -18.20
C PHE C 24 24.95 1.14 -17.84
N GLN C 25 26.12 1.52 -18.37
CA GLN C 25 27.37 0.80 -18.06
C GLN C 25 27.78 0.99 -16.61
N LEU C 26 27.57 2.19 -16.09
CA LEU C 26 27.78 2.46 -14.69
C LEU C 26 26.91 1.48 -13.90
N MSE C 27 25.66 1.32 -14.34
CA MSE C 27 24.73 0.41 -13.68
C MSE C 27 25.22 -1.05 -13.74
O MSE C 27 25.08 -1.80 -12.79
CB MSE C 27 23.36 0.51 -14.31
CG MSE C 27 22.39 -0.37 -13.61
SE MSE C 27 21.97 0.40 -11.85
CE MSE C 27 20.80 1.86 -12.46
N ARG C 28 25.81 -1.44 -14.86
CA ARG C 28 26.28 -2.80 -15.01
C ARG C 28 27.46 -3.05 -14.09
N ASP C 29 28.31 -2.04 -13.92
CA ASP C 29 29.47 -2.18 -13.05
C ASP C 29 29.03 -2.37 -11.62
N LEU C 30 28.10 -1.53 -11.20
CA LEU C 30 27.54 -1.61 -9.86
C LEU C 30 26.88 -2.97 -9.61
N ASP C 31 26.22 -3.52 -10.63
CA ASP C 31 25.59 -4.84 -10.49
C ASP C 31 26.63 -5.93 -10.34
N GLN C 32 27.75 -5.77 -11.04
CA GLN C 32 28.83 -6.71 -10.94
C GLN C 32 29.32 -6.71 -9.49
N ARG C 33 29.47 -5.52 -8.93
CA ARG C 33 29.96 -5.39 -7.57
C ARG C 33 29.02 -6.08 -6.58
N THR C 34 27.72 -5.81 -6.67
CA THR C 34 26.80 -6.43 -5.73
C THR C 34 26.66 -7.94 -5.94
N GLU C 35 26.63 -8.41 -7.19
CA GLU C 35 26.62 -9.86 -7.43
C GLU C 35 27.80 -10.52 -6.72
N ASP C 36 28.98 -9.97 -6.91
CA ASP C 36 30.19 -10.48 -6.26
C ASP C 36 30.03 -10.52 -4.76
N LEU C 37 29.50 -9.45 -4.19
CA LEU C 37 29.36 -9.36 -2.75
C LEU C 37 28.37 -10.39 -2.25
N LYS C 38 27.26 -10.55 -2.98
CA LYS C 38 26.23 -11.48 -2.57
C LYS C 38 26.77 -12.90 -2.60
N ALA C 39 27.64 -13.20 -3.55
CA ALA C 39 28.31 -14.48 -3.60
C ALA C 39 29.19 -14.67 -2.35
N GLU C 40 29.88 -13.60 -1.97
CA GLU C 40 30.70 -13.63 -0.77
C GLU C 40 29.82 -13.87 0.45
N ILE C 41 28.73 -13.13 0.54
CA ILE C 41 27.82 -13.22 1.66
C ILE C 41 27.20 -14.62 1.76
N ASP C 42 26.89 -15.21 0.62
CA ASP C 42 26.26 -16.52 0.60
C ASP C 42 27.27 -17.57 1.09
N LYS C 43 28.51 -17.43 0.67
CA LYS C 43 29.57 -18.32 1.12
C LYS C 43 29.80 -18.20 2.64
N LEU C 44 29.78 -16.99 3.17
CA LEU C 44 29.99 -16.75 4.60
C LEU C 44 28.83 -17.24 5.43
N ALA C 45 27.62 -17.00 4.94
CA ALA C 45 26.42 -17.40 5.62
C ALA C 45 26.33 -18.92 5.64
N THR C 46 26.67 -19.53 4.51
CA THR C 46 26.68 -20.97 4.40
C THR C 46 27.67 -21.54 5.41
N GLU C 47 28.79 -20.86 5.56
CA GLU C 47 29.82 -21.22 6.51
C GLU C 47 29.25 -21.10 7.92
N TYR C 48 28.73 -19.93 8.24
CA TYR C 48 28.16 -19.67 9.55
C TYR C 48 27.08 -20.66 9.92
N MSE C 49 26.17 -20.92 8.99
CA MSE C 49 25.05 -21.82 9.23
C MSE C 49 25.53 -23.23 9.55
O MSE C 49 24.94 -23.92 10.40
CB MSE C 49 24.13 -21.83 7.99
CG MSE C 49 22.98 -22.81 8.05
SE MSE C 49 21.60 -22.39 9.39
CE MSE C 49 20.31 -21.51 8.23
N SER C 50 26.62 -23.65 8.91
CA SER C 50 27.07 -25.02 9.05
C SER C 50 28.00 -25.25 10.24
N SER C 51 28.32 -24.19 10.99
CA SER C 51 29.29 -24.35 12.07
C SER C 51 28.93 -23.57 13.34
N ALA C 52 27.84 -22.82 13.29
CA ALA C 52 27.51 -21.86 14.37
C ALA C 52 27.27 -22.48 15.76
N ARG C 53 27.08 -23.78 15.82
CA ARG C 53 26.81 -24.43 17.11
C ARG C 53 28.10 -24.63 17.92
N SER C 54 29.23 -24.72 17.24
CA SER C 54 30.50 -25.04 17.90
C SER C 54 31.48 -23.86 17.85
N LEU C 55 30.95 -22.68 17.54
CA LEU C 55 31.78 -21.52 17.28
C LEU C 55 32.04 -20.74 18.57
N SER C 56 33.27 -20.32 18.76
CA SER C 56 33.60 -19.48 19.91
C SER C 56 33.14 -18.06 19.61
N SER C 57 33.15 -17.20 20.64
CA SER C 57 32.78 -15.80 20.47
C SER C 57 33.66 -15.10 19.44
N GLU C 58 34.97 -15.38 19.50
CA GLU C 58 35.92 -14.76 18.59
C GLU C 58 35.61 -15.18 17.17
N GLU C 59 35.45 -16.48 16.96
CA GLU C 59 35.17 -17.02 15.63
C GLU C 59 33.84 -16.49 15.10
N LYS C 60 32.84 -16.44 15.98
CA LYS C 60 31.54 -15.96 15.54
C LYS C 60 31.68 -14.47 15.17
N LEU C 61 32.50 -13.75 15.91
CA LEU C 61 32.66 -12.33 15.65
C LEU C 61 33.36 -12.06 14.32
N ALA C 62 34.42 -12.81 14.05
CA ALA C 62 35.22 -12.61 12.85
C ALA C 62 34.36 -12.85 11.60
N LEU C 63 33.40 -13.74 11.74
CA LEU C 63 32.57 -14.15 10.62
C LEU C 63 31.39 -13.20 10.45
N LEU C 64 30.74 -12.85 11.55
CA LEU C 64 29.66 -11.87 11.47
C LEU C 64 30.18 -10.50 10.99
N LYS C 65 31.38 -10.12 11.44
CA LYS C 65 32.00 -8.88 10.98
C LYS C 65 32.16 -8.85 9.47
N GLN C 66 32.51 -9.99 8.88
CA GLN C 66 32.65 -10.06 7.42
C GLN C 66 31.30 -9.94 6.70
N ILE C 67 30.27 -10.58 7.26
CA ILE C 67 28.93 -10.53 6.70
C ILE C 67 28.43 -9.10 6.79
N GLN C 68 28.65 -8.48 7.94
CA GLN C 68 28.25 -7.09 8.13
C GLN C 68 28.97 -6.18 7.13
N GLU C 69 30.29 -6.29 7.05
CA GLU C 69 31.07 -5.47 6.14
C GLU C 69 30.55 -5.62 4.71
N ALA C 70 30.36 -6.86 4.27
CA ALA C 70 29.85 -7.14 2.94
C ALA C 70 28.45 -6.54 2.73
N TYR C 71 27.61 -6.63 3.74
CA TYR C 71 26.28 -6.04 3.59
C TYR C 71 26.33 -4.51 3.56
N GLY C 72 27.19 -3.93 4.40
CA GLY C 72 27.40 -2.51 4.40
C GLY C 72 27.81 -2.00 3.03
N LYS C 73 28.71 -2.71 2.36
CA LYS C 73 29.19 -2.33 1.03
C LYS C 73 28.05 -2.46 0.02
N CYS C 74 27.28 -3.53 0.17
CA CYS C 74 26.12 -3.79 -0.67
C CYS C 74 25.09 -2.66 -0.58
N LYS C 75 24.73 -2.27 0.64
CA LYS C 75 23.78 -1.19 0.81
C LYS C 75 24.30 0.09 0.15
N GLU C 76 25.59 0.39 0.31
CA GLU C 76 26.13 1.60 -0.31
C GLU C 76 26.21 1.55 -1.84
N PHE C 77 26.49 0.36 -2.38
CA PHE C 77 26.37 0.18 -3.81
C PHE C 77 24.90 0.29 -4.19
N GLY C 78 24.03 -0.13 -3.29
CA GLY C 78 22.60 0.04 -3.51
C GLY C 78 22.20 1.50 -3.59
N ASP C 79 22.74 2.35 -2.70
CA ASP C 79 22.48 3.79 -2.78
C ASP C 79 22.96 4.33 -4.13
N ASP C 80 24.11 3.84 -4.58
CA ASP C 80 24.66 4.28 -5.85
C ASP C 80 23.73 3.99 -7.02
N LYS C 81 23.18 2.77 -7.06
CA LYS C 81 22.25 2.41 -8.12
C LYS C 81 21.00 3.26 -8.05
N VAL C 82 20.50 3.50 -6.85
CA VAL C 82 19.32 4.33 -6.66
C VAL C 82 19.56 5.75 -7.17
N GLN C 83 20.63 6.39 -6.69
CA GLN C 83 21.03 7.70 -7.20
C GLN C 83 21.24 7.70 -8.73
N LEU C 84 21.80 6.63 -9.26
CA LEU C 84 22.01 6.56 -10.70
C LEU C 84 20.67 6.44 -11.47
N ALA C 85 19.75 5.63 -10.97
CA ALA C 85 18.45 5.45 -11.59
C ALA C 85 17.65 6.74 -11.53
N MSE C 86 17.73 7.44 -10.40
CA MSE C 86 17.04 8.71 -10.26
C MSE C 86 17.61 9.76 -11.20
O MSE C 86 16.86 10.53 -11.78
CB MSE C 86 17.14 9.26 -8.85
CG MSE C 86 16.30 8.56 -7.84
SE MSE C 86 16.59 9.37 -6.08
CE MSE C 86 16.11 11.22 -6.54
N GLN C 87 18.93 9.81 -11.33
N GLN C 87 18.92 9.82 -11.32
CA GLN C 87 19.52 10.83 -12.18
CA GLN C 87 19.53 10.80 -12.18
C GLN C 87 19.18 10.55 -13.66
C GLN C 87 19.10 10.54 -13.63
N THR C 88 19.11 9.27 -14.02
CA THR C 88 18.74 8.89 -15.37
C THR C 88 17.28 9.24 -15.61
N TYR C 89 16.46 8.93 -14.62
CA TYR C 89 15.04 9.21 -14.65
C TYR C 89 14.78 10.71 -14.86
N GLU C 90 15.48 11.54 -14.10
CA GLU C 90 15.26 12.98 -14.15
C GLU C 90 15.77 13.61 -15.45
N MSE C 91 16.94 13.15 -15.91
CA MSE C 91 17.50 13.61 -17.17
C MSE C 91 16.59 13.31 -18.38
O MSE C 91 16.36 14.15 -19.25
CB MSE C 91 18.84 12.92 -17.38
CG MSE C 91 19.40 13.10 -18.80
SE MSE C 91 21.20 12.34 -19.03
CE MSE C 91 20.81 10.43 -18.74
N VAL C 92 16.07 12.09 -18.44
CA VAL C 92 15.19 11.70 -19.52
C VAL C 92 13.87 12.48 -19.36
N ASP C 93 13.51 12.76 -18.11
CA ASP C 93 12.25 13.44 -17.86
C ASP C 93 12.22 14.84 -18.46
N LYS C 94 13.36 15.51 -18.42
CA LYS C 94 13.45 16.84 -19.00
C LYS C 94 13.11 16.78 -20.48
N HIS C 95 13.62 15.75 -21.16
CA HIS C 95 13.43 15.58 -22.60
C HIS C 95 12.01 15.20 -22.91
N ILE C 96 11.47 14.31 -22.09
CA ILE C 96 10.08 13.91 -22.24
C ILE C 96 9.17 15.13 -22.15
N ARG C 97 9.40 15.98 -21.16
CA ARG C 97 8.58 17.18 -21.01
C ARG C 97 8.75 18.08 -22.22
N ARG C 98 9.98 18.18 -22.71
CA ARG C 98 10.29 19.01 -23.87
C ARG C 98 9.60 18.47 -25.10
N LEU C 99 9.65 17.15 -25.26
CA LEU C 99 9.16 16.54 -26.49
C LEU C 99 7.62 16.36 -26.49
N ASP C 100 7.03 16.24 -25.31
CA ASP C 100 5.59 16.02 -25.26
C ASP C 100 4.86 17.32 -25.59
N THR C 101 4.04 17.27 -26.64
CA THR C 101 3.23 18.41 -27.06
C THR C 101 2.37 18.99 -25.94
N ASP C 102 2.01 18.18 -24.95
CA ASP C 102 1.27 18.66 -23.79
C ASP C 102 2.19 19.40 -22.83
N LEU C 103 3.34 18.80 -22.52
CA LEU C 103 4.29 19.40 -21.60
C LEU C 103 5.21 20.41 -22.31
N ALA C 104 5.37 20.25 -23.63
CA ALA C 104 6.01 21.26 -24.49
C ALA C 104 5.73 20.99 -25.96
N MSE D 4 -3.18 31.84 12.38
CA MSE D 4 -2.05 31.21 11.72
C MSE D 4 -1.60 32.04 10.53
O MSE D 4 -2.40 32.75 9.91
CB MSE D 4 -2.39 29.77 11.28
CG MSE D 4 -2.46 29.54 9.75
SE MSE D 4 -2.78 27.67 9.38
CE MSE D 4 -1.57 26.93 10.72
N TYR D 5 -0.33 31.96 10.22
CA TYR D 5 0.29 32.90 9.29
C TYR D 5 -0.10 32.68 7.83
N LEU D 6 -0.31 31.43 7.44
CA LEU D 6 -0.75 31.15 6.09
C LEU D 6 -2.17 31.70 5.88
N GLU D 7 -3.08 31.37 6.81
CA GLU D 7 -4.45 31.83 6.72
C GLU D 7 -4.47 33.35 6.63
N HIS D 8 -3.66 34.01 7.45
CA HIS D 8 -3.65 35.47 7.43
C HIS D 8 -3.04 35.96 6.13
N TYR D 9 -2.05 35.26 5.62
CA TYR D 9 -1.53 35.57 4.30
C TYR D 9 -2.62 35.45 3.22
N LEU D 10 -3.31 34.32 3.18
CA LEU D 10 -4.38 34.12 2.20
C LEU D 10 -5.63 34.95 2.51
N ASP D 11 -5.60 35.64 3.65
CA ASP D 11 -6.70 36.51 4.05
C ASP D 11 -6.58 37.84 3.31
N SER D 12 -5.39 38.11 2.78
CA SER D 12 -5.19 39.36 2.04
C SER D 12 -5.80 39.29 0.63
N ILE D 13 -6.62 40.28 0.31
CA ILE D 13 -7.32 40.32 -0.97
C ILE D 13 -6.33 40.40 -2.15
N GLU D 14 -5.16 40.98 -1.94
CA GLU D 14 -4.10 40.97 -2.93
C GLU D 14 -3.68 39.55 -3.30
N ASN D 15 -3.73 38.64 -2.33
CA ASN D 15 -3.27 37.27 -2.57
C ASN D 15 -4.29 36.31 -3.13
N LEU D 16 -5.56 36.70 -3.09
CA LEU D 16 -6.65 35.84 -3.55
C LEU D 16 -6.49 35.37 -5.00
N PRO D 17 -6.07 36.27 -5.92
CA PRO D 17 -5.97 35.71 -7.28
C PRO D 17 -4.87 34.65 -7.40
N PHE D 18 -3.71 34.87 -6.78
CA PHE D 18 -2.60 33.95 -6.86
C PHE D 18 -2.98 32.59 -6.27
N GLU D 19 -3.65 32.62 -5.12
CA GLU D 19 -4.06 31.39 -4.46
C GLU D 19 -5.15 30.65 -5.26
N LEU D 20 -6.10 31.40 -5.81
CA LEU D 20 -7.11 30.80 -6.68
C LEU D 20 -6.42 30.07 -7.84
N GLN D 21 -5.45 30.74 -8.47
CA GLN D 21 -4.72 30.12 -9.57
C GLN D 21 -3.90 28.90 -9.09
N ARG D 22 -3.29 29.03 -7.92
CA ARG D 22 -2.51 27.95 -7.32
C ARG D 22 -3.40 26.73 -7.14
N ASN D 23 -4.53 26.92 -6.47
CA ASN D 23 -5.52 25.86 -6.33
C ASN D 23 -6.00 25.26 -7.67
N PHE D 24 -6.18 26.09 -8.69
CA PHE D 24 -6.65 25.58 -9.99
C PHE D 24 -5.59 24.67 -10.62
N GLN D 25 -4.32 24.99 -10.40
CA GLN D 25 -3.26 24.12 -10.90
C GLN D 25 -3.17 22.83 -10.10
N LEU D 26 -3.30 22.93 -8.78
CA LEU D 26 -3.31 21.76 -7.90
C LEU D 26 -4.40 20.81 -8.37
N MSE D 27 -5.53 21.40 -8.76
CA MSE D 27 -6.69 20.64 -9.25
C MSE D 27 -6.46 20.03 -10.63
O MSE D 27 -6.91 18.92 -10.89
CB MSE D 27 -7.92 21.55 -9.31
CG MSE D 27 -9.15 20.80 -9.80
SE MSE D 27 -9.79 19.51 -8.43
CE MSE D 27 -10.69 20.82 -7.25
N ARG D 28 -5.76 20.75 -11.51
CA ARG D 28 -5.39 20.21 -12.82
C ARG D 28 -4.44 19.02 -12.67
N ASP D 29 -3.51 19.09 -11.73
CA ASP D 29 -2.62 17.96 -11.45
C ASP D 29 -3.42 16.74 -10.96
N LEU D 30 -4.33 16.97 -10.02
CA LEU D 30 -5.18 15.89 -9.54
C LEU D 30 -5.98 15.25 -10.67
N ASP D 31 -6.58 16.10 -11.52
CA ASP D 31 -7.32 15.67 -12.70
C ASP D 31 -6.47 14.82 -13.66
N GLN D 32 -5.23 15.25 -13.88
CA GLN D 32 -4.30 14.49 -14.70
C GLN D 32 -4.13 13.09 -14.13
N ARG D 33 -4.04 13.01 -12.80
CA ARG D 33 -3.80 11.72 -12.17
C ARG D 33 -5.00 10.77 -12.27
N THR D 34 -6.20 11.32 -12.16
CA THR D 34 -7.42 10.53 -12.30
C THR D 34 -7.73 10.27 -13.79
N GLU D 35 -7.40 11.24 -14.63
CA GLU D 35 -7.49 11.01 -16.07
C GLU D 35 -6.64 9.79 -16.44
N ASP D 36 -5.41 9.75 -15.95
CA ASP D 36 -4.50 8.63 -16.23
C ASP D 36 -5.01 7.31 -15.64
N LEU D 37 -5.49 7.34 -14.39
CA LEU D 37 -6.03 6.13 -13.78
C LEU D 37 -7.20 5.56 -14.56
N LYS D 38 -8.11 6.44 -14.99
CA LYS D 38 -9.30 5.99 -15.72
C LYS D 38 -9.00 5.33 -17.05
N ALA D 39 -7.98 5.83 -17.76
CA ALA D 39 -7.59 5.19 -19.02
C ALA D 39 -7.06 3.80 -18.71
N GLU D 40 -6.41 3.65 -17.55
CA GLU D 40 -5.94 2.34 -17.13
C GLU D 40 -7.11 1.41 -16.82
N ILE D 41 -8.03 1.93 -16.02
CA ILE D 41 -9.22 1.18 -15.62
C ILE D 41 -10.01 0.73 -16.83
N ASP D 42 -10.09 1.62 -17.82
CA ASP D 42 -10.70 1.32 -19.11
C ASP D 42 -10.00 0.16 -19.81
N LYS D 43 -8.68 0.14 -19.84
CA LYS D 43 -7.95 -0.95 -20.51
C LYS D 43 -8.10 -2.27 -19.77
N LEU D 44 -7.95 -2.25 -18.45
CA LEU D 44 -8.11 -3.45 -17.64
C LEU D 44 -9.55 -3.98 -17.68
N ALA D 45 -10.53 -3.08 -17.65
CA ALA D 45 -11.92 -3.50 -17.62
C ALA D 45 -12.34 -4.05 -18.97
N THR D 46 -11.85 -3.41 -20.04
CA THR D 46 -12.14 -3.89 -21.38
C THR D 46 -11.57 -5.29 -21.55
N GLU D 47 -10.35 -5.49 -21.04
CA GLU D 47 -9.72 -6.79 -21.07
C GLU D 47 -10.54 -7.80 -20.31
N TYR D 48 -11.01 -7.42 -19.13
CA TYR D 48 -11.73 -8.34 -18.26
C TYR D 48 -12.95 -8.95 -18.96
N MSE D 49 -13.42 -8.28 -20.00
CA MSE D 49 -14.36 -8.88 -20.95
C MSE D 49 -13.66 -9.91 -21.82
O MSE D 49 -13.31 -9.64 -22.98
CB MSE D 49 -15.02 -7.81 -21.80
CG MSE D 49 -15.99 -6.92 -21.04
SE MSE D 49 -17.61 -7.70 -20.86
CE MSE D 49 -18.50 -6.38 -20.03
N SER D 50 -13.44 -11.10 -21.25
CA SER D 50 -12.80 -12.22 -21.92
C SER D 50 -12.93 -13.44 -21.01
N LEU D 55 -11.87 -16.74 -18.84
CA LEU D 55 -10.97 -17.71 -19.46
C LEU D 55 -10.04 -18.37 -18.44
N SER D 56 -9.34 -17.55 -17.66
CA SER D 56 -8.29 -18.05 -16.77
C SER D 56 -8.55 -17.77 -15.30
N SER D 57 -8.14 -18.69 -14.44
CA SER D 57 -8.13 -18.47 -13.01
C SER D 57 -6.74 -18.05 -12.58
N GLU D 58 -6.64 -17.30 -11.49
CA GLU D 58 -5.35 -16.79 -11.04
C GLU D 58 -4.93 -15.58 -11.86
N GLU D 59 -5.16 -15.66 -13.16
CA GLU D 59 -4.96 -14.52 -14.05
C GLU D 59 -6.09 -13.53 -13.86
N LYS D 60 -7.26 -14.03 -13.49
CA LYS D 60 -8.42 -13.19 -13.22
C LYS D 60 -8.27 -12.45 -11.90
N LEU D 61 -7.76 -13.14 -10.89
CA LEU D 61 -7.49 -12.52 -9.60
C LEU D 61 -6.40 -11.44 -9.67
N ALA D 62 -5.43 -11.61 -10.57
CA ALA D 62 -4.38 -10.61 -10.72
C ALA D 62 -4.91 -9.36 -11.40
N LEU D 63 -5.86 -9.54 -12.30
CA LEU D 63 -6.47 -8.44 -13.03
C LEU D 63 -7.38 -7.63 -12.09
N LEU D 64 -8.17 -8.34 -11.29
CA LEU D 64 -9.06 -7.75 -10.30
C LEU D 64 -8.27 -6.89 -9.33
N LYS D 65 -7.12 -7.42 -8.90
CA LYS D 65 -6.27 -6.67 -8.01
C LYS D 65 -5.86 -5.36 -8.64
N GLN D 66 -5.50 -5.40 -9.93
CA GLN D 66 -5.12 -4.20 -10.65
C GLN D 66 -6.28 -3.22 -10.68
N ILE D 67 -7.44 -3.72 -11.03
CA ILE D 67 -8.62 -2.87 -11.10
C ILE D 67 -8.93 -2.28 -9.72
N GLN D 68 -8.89 -3.12 -8.70
CA GLN D 68 -9.15 -2.67 -7.34
C GLN D 68 -8.12 -1.62 -6.91
N GLU D 69 -6.84 -1.91 -7.12
CA GLU D 69 -5.80 -0.98 -6.73
C GLU D 69 -5.99 0.38 -7.42
N ALA D 70 -6.37 0.34 -8.70
CA ALA D 70 -6.58 1.54 -9.51
C ALA D 70 -7.76 2.38 -8.99
N TYR D 71 -8.85 1.69 -8.66
CA TYR D 71 -10.03 2.37 -8.17
C TYR D 71 -9.77 2.98 -6.82
N GLY D 72 -9.03 2.25 -5.97
CA GLY D 72 -8.58 2.76 -4.69
C GLY D 72 -7.79 4.05 -4.81
N LYS D 73 -6.83 4.08 -5.72
CA LYS D 73 -6.08 5.31 -5.98
C LYS D 73 -7.01 6.42 -6.50
N CYS D 74 -7.98 6.03 -7.31
CA CYS D 74 -8.87 7.02 -7.89
C CYS D 74 -9.75 7.66 -6.81
N LYS D 75 -10.28 6.86 -5.89
CA LYS D 75 -11.07 7.39 -4.78
C LYS D 75 -10.25 8.34 -3.88
N GLU D 76 -8.98 8.02 -3.65
CA GLU D 76 -8.17 8.90 -2.81
C GLU D 76 -7.85 10.23 -3.48
N PHE D 77 -7.54 10.18 -4.77
CA PHE D 77 -7.43 11.42 -5.55
C PHE D 77 -8.76 12.17 -5.52
N GLY D 78 -9.86 11.42 -5.52
CA GLY D 78 -11.18 12.01 -5.45
C GLY D 78 -11.36 12.73 -4.13
N ASP D 79 -10.93 12.09 -3.03
CA ASP D 79 -10.88 12.75 -1.73
C ASP D 79 -10.04 14.01 -1.75
N ASP D 80 -8.90 13.96 -2.43
CA ASP D 80 -8.04 15.14 -2.51
C ASP D 80 -8.73 16.31 -3.26
N LYS D 81 -9.48 16.00 -4.33
CA LYS D 81 -10.22 17.04 -5.08
C LYS D 81 -11.31 17.63 -4.22
N VAL D 82 -12.02 16.77 -3.50
CA VAL D 82 -13.08 17.23 -2.63
C VAL D 82 -12.50 18.10 -1.55
N GLN D 83 -11.37 17.69 -0.98
CA GLN D 83 -10.69 18.52 0.02
C GLN D 83 -10.26 19.85 -0.58
N LEU D 84 -9.71 19.80 -1.78
CA LEU D 84 -9.23 21.02 -2.44
C LEU D 84 -10.37 22.00 -2.74
N ALA D 85 -11.49 21.47 -3.19
CA ALA D 85 -12.65 22.31 -3.46
C ALA D 85 -13.11 22.97 -2.19
N MSE D 86 -13.28 22.18 -1.13
CA MSE D 86 -13.68 22.73 0.15
C MSE D 86 -12.73 23.84 0.56
O MSE D 86 -13.16 24.95 0.89
CB MSE D 86 -13.68 21.66 1.21
CG MSE D 86 -14.85 20.69 1.12
SE MSE D 86 -14.78 19.39 2.57
CE MSE D 86 -14.49 20.62 4.07
N GLN D 87 -11.44 23.54 0.54
CA GLN D 87 -10.40 24.50 0.87
C GLN D 87 -10.63 25.82 0.14
N THR D 88 -10.74 25.75 -1.18
CA THR D 88 -10.98 26.92 -2.00
C THR D 88 -12.30 27.59 -1.64
N TYR D 89 -13.31 26.77 -1.36
CA TYR D 89 -14.63 27.28 -0.97
C TYR D 89 -14.55 28.15 0.29
N GLU D 90 -13.92 27.65 1.35
CA GLU D 90 -13.89 28.42 2.59
C GLU D 90 -12.98 29.62 2.42
N MSE D 91 -11.92 29.44 1.63
CA MSE D 91 -10.95 30.48 1.34
C MSE D 91 -11.63 31.68 0.69
O MSE D 91 -11.39 32.83 1.06
CB MSE D 91 -9.90 29.90 0.40
CG MSE D 91 -8.50 30.48 0.54
SE MSE D 91 -8.05 31.69 -0.92
CE MSE D 91 -8.42 30.49 -2.42
N VAL D 92 -12.50 31.41 -0.27
CA VAL D 92 -13.29 32.44 -0.94
C VAL D 92 -14.38 32.98 0.01
N ASP D 93 -14.99 32.09 0.79
CA ASP D 93 -16.00 32.46 1.77
C ASP D 93 -15.48 33.53 2.73
N LYS D 94 -14.20 33.43 3.08
CA LYS D 94 -13.61 34.37 4.03
C LYS D 94 -13.60 35.78 3.43
N HIS D 95 -13.26 35.87 2.16
CA HIS D 95 -13.21 37.15 1.48
C HIS D 95 -14.62 37.72 1.27
N ILE D 96 -15.58 36.83 1.05
CA ILE D 96 -16.96 37.22 0.81
C ILE D 96 -17.58 37.77 2.08
N ARG D 97 -17.27 37.13 3.20
CA ARG D 97 -17.83 37.58 4.48
C ARG D 97 -17.32 38.96 4.82
N ARG D 98 -16.01 39.17 4.59
CA ARG D 98 -15.41 40.46 4.85
C ARG D 98 -16.12 41.54 4.04
N LEU D 99 -16.21 41.34 2.73
CA LEU D 99 -16.91 42.27 1.85
C LEU D 99 -18.39 42.45 2.25
N ASP D 100 -19.02 41.39 2.72
CA ASP D 100 -20.42 41.48 3.13
C ASP D 100 -20.58 42.19 4.48
N THR D 101 -19.53 42.25 5.27
CA THR D 101 -19.58 42.97 6.54
C THR D 101 -19.75 44.47 6.29
N ASP D 102 -19.29 44.92 5.11
CA ASP D 102 -19.43 46.31 4.71
C ASP D 102 -20.65 46.50 3.81
N GLY E 3 -32.56 -3.36 -0.65
CA GLY E 3 -32.38 -3.81 -2.02
C GLY E 3 -31.55 -5.08 -2.08
N MSE E 4 -32.09 -6.17 -1.56
CA MSE E 4 -31.37 -7.41 -1.47
C MSE E 4 -31.12 -8.07 -2.82
O MSE E 4 -30.05 -8.64 -3.03
CB MSE E 4 -32.07 -8.39 -0.54
CG MSE E 4 -31.44 -8.49 0.84
SE MSE E 4 -31.90 -10.20 1.64
CE MSE E 4 -33.45 -10.59 0.54
N TYR E 5 -32.09 -8.03 -3.72
CA TYR E 5 -31.93 -8.73 -5.00
C TYR E 5 -30.88 -8.05 -5.90
N LEU E 6 -30.91 -6.73 -5.95
CA LEU E 6 -29.89 -5.96 -6.65
C LEU E 6 -28.50 -6.27 -6.11
N GLU E 7 -28.35 -6.21 -4.79
CA GLU E 7 -27.07 -6.47 -4.15
C GLU E 7 -26.58 -7.86 -4.50
N HIS E 8 -27.50 -8.83 -4.53
CA HIS E 8 -27.15 -10.20 -4.89
C HIS E 8 -26.69 -10.25 -6.34
N TYR E 9 -27.42 -9.54 -7.20
CA TYR E 9 -27.04 -9.39 -8.60
C TYR E 9 -25.63 -8.77 -8.72
N LEU E 10 -25.41 -7.65 -8.03
CA LEU E 10 -24.10 -6.97 -8.08
C LEU E 10 -22.98 -7.76 -7.40
N ASP E 11 -23.33 -8.67 -6.48
CA ASP E 11 -22.31 -9.47 -5.80
C ASP E 11 -21.92 -10.68 -6.63
N SER E 12 -22.60 -10.93 -7.74
CA SER E 12 -22.35 -12.12 -8.52
C SER E 12 -21.21 -11.87 -9.49
N ILE E 13 -20.21 -12.75 -9.47
CA ILE E 13 -19.00 -12.58 -10.26
C ILE E 13 -19.29 -12.45 -11.76
N GLU E 14 -20.38 -13.07 -12.21
CA GLU E 14 -20.75 -13.03 -13.62
C GLU E 14 -21.14 -11.62 -14.09
N ASN E 15 -21.63 -10.79 -13.17
CA ASN E 15 -22.09 -9.46 -13.55
C ASN E 15 -21.08 -8.35 -13.31
N LEU E 16 -19.95 -8.71 -12.72
CA LEU E 16 -18.92 -7.72 -12.43
C LEU E 16 -18.44 -6.99 -13.69
N PRO E 17 -18.12 -7.71 -14.79
CA PRO E 17 -17.57 -7.00 -15.95
C PRO E 17 -18.52 -5.91 -16.43
N PHE E 18 -19.79 -6.22 -16.43
CA PHE E 18 -20.81 -5.29 -16.94
C PHE E 18 -21.02 -4.12 -16.01
N GLU E 19 -21.08 -4.40 -14.71
CA GLU E 19 -21.30 -3.34 -13.74
C GLU E 19 -20.06 -2.42 -13.74
N LEU E 20 -18.89 -3.02 -13.96
CA LEU E 20 -17.65 -2.26 -14.11
C LEU E 20 -17.78 -1.25 -15.24
N GLN E 21 -18.19 -1.74 -16.41
CA GLN E 21 -18.36 -0.87 -17.57
C GLN E 21 -19.45 0.15 -17.32
N ARG E 22 -20.51 -0.29 -16.66
CA ARG E 22 -21.64 0.57 -16.42
C ARG E 22 -21.20 1.70 -15.50
N ASN E 23 -20.57 1.35 -14.38
CA ASN E 23 -20.06 2.33 -13.43
C ASN E 23 -19.11 3.30 -14.10
N PHE E 24 -18.29 2.78 -15.02
CA PHE E 24 -17.31 3.60 -15.71
C PHE E 24 -18.00 4.70 -16.51
N GLN E 25 -19.12 4.37 -17.14
CA GLN E 25 -19.85 5.38 -17.91
C GLN E 25 -20.49 6.42 -16.98
N LEU E 26 -21.01 5.97 -15.85
CA LEU E 26 -21.56 6.87 -14.84
C LEU E 26 -20.46 7.84 -14.44
N MSE E 27 -19.26 7.32 -14.30
CA MSE E 27 -18.12 8.15 -13.92
C MSE E 27 -17.80 9.20 -14.96
O MSE E 27 -17.41 10.31 -14.64
CB MSE E 27 -16.87 7.31 -13.70
CG MSE E 27 -15.67 8.17 -13.29
SE MSE E 27 -15.84 8.88 -11.45
CE MSE E 27 -15.75 7.15 -10.45
N ARG E 28 -17.96 8.83 -16.22
CA ARG E 28 -17.66 9.74 -17.32
C ARG E 28 -18.67 10.88 -17.31
N ASP E 29 -19.90 10.57 -16.95
CA ASP E 29 -20.94 11.59 -16.90
C ASP E 29 -20.63 12.60 -15.78
N LEU E 30 -20.18 12.07 -14.65
CA LEU E 30 -19.79 12.91 -13.54
C LEU E 30 -18.58 13.77 -13.90
N ASP E 31 -17.61 13.17 -14.57
CA ASP E 31 -16.41 13.91 -15.00
C ASP E 31 -16.77 15.05 -15.97
N GLN E 32 -17.77 14.82 -16.80
CA GLN E 32 -18.26 15.87 -17.68
C GLN E 32 -18.84 17.06 -16.91
N ARG E 33 -19.62 16.81 -15.86
CA ARG E 33 -20.16 17.89 -15.04
C ARG E 33 -19.04 18.71 -14.38
N THR E 34 -18.07 18.03 -13.79
CA THR E 34 -16.99 18.75 -13.13
C THR E 34 -16.11 19.51 -14.13
N GLU E 35 -15.92 18.95 -15.32
CA GLU E 35 -15.17 19.65 -16.35
C GLU E 35 -15.86 20.96 -16.76
N ASP E 36 -17.20 20.93 -16.82
CA ASP E 36 -17.97 22.11 -17.23
C ASP E 36 -17.89 23.16 -16.14
N LEU E 37 -18.07 22.74 -14.90
CA LEU E 37 -17.96 23.65 -13.78
C LEU E 37 -16.57 24.25 -13.71
N LYS E 38 -15.55 23.45 -14.03
CA LYS E 38 -14.18 23.92 -13.90
C LYS E 38 -13.85 24.96 -14.97
N ALA E 39 -14.41 24.77 -16.16
CA ALA E 39 -14.24 25.72 -17.25
C ALA E 39 -14.90 27.03 -16.88
N GLU E 40 -16.06 26.89 -16.22
CA GLU E 40 -16.82 28.02 -15.68
C GLU E 40 -16.07 28.77 -14.57
N ILE E 41 -15.49 28.03 -13.64
CA ILE E 41 -14.70 28.61 -12.58
C ILE E 41 -13.52 29.36 -13.17
N ASP E 42 -12.85 28.72 -14.12
CA ASP E 42 -11.69 29.31 -14.81
C ASP E 42 -12.07 30.62 -15.50
N LYS E 43 -13.20 30.63 -16.19
CA LYS E 43 -13.68 31.83 -16.85
C LYS E 43 -13.96 32.97 -15.85
N LEU E 44 -14.63 32.63 -14.75
CA LEU E 44 -14.96 33.59 -13.71
C LEU E 44 -13.71 34.05 -12.99
N ALA E 45 -12.81 33.12 -12.69
CA ALA E 45 -11.61 33.44 -11.95
C ALA E 45 -10.71 34.37 -12.76
N THR E 46 -10.45 34.03 -14.02
CA THR E 46 -9.58 34.86 -14.85
C THR E 46 -10.16 36.26 -14.95
N GLU E 47 -11.48 36.35 -15.11
CA GLU E 47 -12.18 37.63 -15.15
C GLU E 47 -11.98 38.43 -13.86
N TYR E 48 -12.03 37.74 -12.73
CA TYR E 48 -11.82 38.40 -11.45
C TYR E 48 -10.42 39.01 -11.41
N MSE E 49 -9.42 38.20 -11.71
CA MSE E 49 -8.03 38.65 -11.63
C MSE E 49 -7.61 39.47 -12.85
O MSE E 49 -6.45 39.90 -12.97
CB MSE E 49 -7.09 37.46 -11.41
CG MSE E 49 -7.15 36.40 -12.48
SE MSE E 49 -6.62 34.65 -11.79
CE MSE E 49 -7.77 34.62 -10.22
N SER E 50 -8.55 39.69 -13.77
CA SER E 50 -8.32 40.60 -14.88
C SER E 50 -8.96 41.94 -14.56
N SER E 51 -9.68 41.99 -13.44
CA SER E 51 -10.46 43.18 -13.09
C SER E 51 -10.44 43.51 -11.60
N ALA E 52 -9.68 42.73 -10.83
CA ALA E 52 -9.63 42.89 -9.38
C ALA E 52 -9.22 44.29 -8.94
N ARG E 53 -8.15 44.81 -9.55
CA ARG E 53 -7.66 46.15 -9.21
C ARG E 53 -8.69 47.22 -9.53
N SER E 54 -9.29 47.13 -10.72
CA SER E 54 -10.31 48.09 -11.15
C SER E 54 -11.71 47.70 -10.71
N LEU E 55 -11.80 46.91 -9.65
CA LEU E 55 -13.07 46.39 -9.18
C LEU E 55 -13.56 46.98 -7.88
N SER E 56 -14.84 47.36 -7.86
CA SER E 56 -15.48 47.83 -6.64
C SER E 56 -15.83 46.64 -5.77
N SER E 57 -16.08 46.87 -4.49
CA SER E 57 -16.34 45.77 -3.58
C SER E 57 -17.54 44.93 -4.02
N GLU E 58 -18.60 45.60 -4.45
CA GLU E 58 -19.85 44.94 -4.82
C GLU E 58 -19.70 44.09 -6.07
N GLU E 59 -18.91 44.60 -7.02
CA GLU E 59 -18.61 43.89 -8.26
C GLU E 59 -17.71 42.69 -7.96
N LYS E 60 -16.78 42.90 -7.05
CA LYS E 60 -15.90 41.84 -6.61
C LYS E 60 -16.70 40.79 -5.85
N LEU E 61 -17.64 41.26 -5.04
CA LEU E 61 -18.41 40.38 -4.17
C LEU E 61 -19.24 39.42 -4.98
N ALA E 62 -19.88 39.94 -6.02
CA ALA E 62 -20.81 39.14 -6.81
C ALA E 62 -20.04 38.18 -7.72
N LEU E 63 -18.85 38.58 -8.12
CA LEU E 63 -17.96 37.68 -8.84
C LEU E 63 -17.49 36.52 -7.94
N LEU E 64 -17.06 36.85 -6.72
CA LEU E 64 -16.62 35.82 -5.78
C LEU E 64 -17.74 34.87 -5.37
N LYS E 65 -18.97 35.37 -5.31
CA LYS E 65 -20.11 34.54 -4.91
C LYS E 65 -20.33 33.48 -5.96
N GLN E 66 -20.11 33.86 -7.22
CA GLN E 66 -20.27 32.93 -8.34
C GLN E 66 -19.19 31.86 -8.33
N ILE E 67 -17.97 32.26 -8.02
CA ILE E 67 -16.89 31.30 -7.95
C ILE E 67 -17.20 30.30 -6.84
N GLN E 68 -17.57 30.83 -5.69
CA GLN E 68 -17.83 29.98 -4.54
C GLN E 68 -18.97 28.98 -4.80
N GLU E 69 -20.06 29.44 -5.42
CA GLU E 69 -21.19 28.55 -5.73
C GLU E 69 -20.77 27.44 -6.68
N ALA E 70 -19.90 27.78 -7.63
CA ALA E 70 -19.37 26.82 -8.58
C ALA E 70 -18.42 25.80 -7.91
N TYR E 71 -17.60 26.24 -6.96
CA TYR E 71 -16.76 25.33 -6.18
C TYR E 71 -17.60 24.42 -5.27
N GLY E 72 -18.67 24.97 -4.72
CA GLY E 72 -19.67 24.19 -4.00
C GLY E 72 -20.24 23.07 -4.86
N LYS E 73 -20.79 23.42 -6.02
CA LYS E 73 -21.34 22.41 -6.93
C LYS E 73 -20.29 21.39 -7.30
N CYS E 74 -19.08 21.87 -7.53
CA CYS E 74 -17.98 21.00 -7.91
C CYS E 74 -17.66 20.00 -6.81
N LYS E 75 -17.52 20.49 -5.58
CA LYS E 75 -17.29 19.64 -4.43
C LYS E 75 -18.35 18.53 -4.32
N GLU E 76 -19.60 18.87 -4.62
CA GLU E 76 -20.69 17.91 -4.53
C GLU E 76 -20.51 16.82 -5.57
N PHE E 77 -20.19 17.22 -6.79
CA PHE E 77 -19.94 16.21 -7.81
C PHE E 77 -18.74 15.34 -7.42
N GLY E 78 -17.76 15.95 -6.75
CA GLY E 78 -16.60 15.21 -6.26
C GLY E 78 -17.04 14.14 -5.27
N ASP E 79 -17.94 14.53 -4.37
CA ASP E 79 -18.52 13.57 -3.42
C ASP E 79 -19.15 12.37 -4.14
N ASP E 80 -19.93 12.66 -5.18
CA ASP E 80 -20.57 11.62 -5.97
C ASP E 80 -19.52 10.72 -6.61
N LYS E 81 -18.48 11.33 -7.18
CA LYS E 81 -17.39 10.55 -7.77
C LYS E 81 -16.74 9.62 -6.73
N VAL E 82 -16.56 10.15 -5.52
CA VAL E 82 -15.97 9.38 -4.43
C VAL E 82 -16.85 8.16 -4.11
N GLN E 83 -18.15 8.40 -3.94
CA GLN E 83 -19.11 7.34 -3.66
C GLN E 83 -19.06 6.26 -4.74
N LEU E 84 -19.06 6.68 -6.00
CA LEU E 84 -19.06 5.74 -7.09
C LEU E 84 -17.77 4.93 -7.06
N ALA E 85 -16.64 5.59 -6.84
CA ALA E 85 -15.36 4.88 -6.78
C ALA E 85 -15.34 3.86 -5.64
N MSE E 86 -15.80 4.24 -4.47
CA MSE E 86 -15.77 3.34 -3.33
C MSE E 86 -16.65 2.16 -3.62
O MSE E 86 -16.29 1.00 -3.32
CB MSE E 86 -16.30 4.01 -2.06
CG MSE E 86 -15.43 5.10 -1.52
SE MSE E 86 -16.26 5.93 0.04
CE MSE E 86 -16.50 4.33 1.13
N GLN E 87 -17.81 2.44 -4.17
CA GLN E 87 -18.78 1.41 -4.48
C GLN E 87 -18.13 0.38 -5.43
N THR E 88 -17.40 0.86 -6.42
CA THR E 88 -16.76 -0.04 -7.37
C THR E 88 -15.63 -0.78 -6.68
N TYR E 89 -14.84 -0.03 -5.91
CA TYR E 89 -13.72 -0.61 -5.20
C TYR E 89 -14.24 -1.73 -4.31
N GLU E 90 -15.30 -1.44 -3.54
CA GLU E 90 -15.86 -2.40 -2.61
C GLU E 90 -16.40 -3.62 -3.33
N MSE E 91 -17.02 -3.39 -4.48
CA MSE E 91 -17.57 -4.49 -5.24
C MSE E 91 -16.50 -5.44 -5.73
O MSE E 91 -16.62 -6.66 -5.57
CB MSE E 91 -18.34 -3.94 -6.44
CG MSE E 91 -18.71 -4.98 -7.46
SE MSE E 91 -20.02 -4.31 -8.79
CE MSE E 91 -18.96 -2.96 -9.72
N VAL E 92 -15.45 -4.89 -6.34
CA VAL E 92 -14.34 -5.67 -6.84
C VAL E 92 -13.63 -6.32 -5.66
N ASP E 93 -13.59 -5.60 -4.52
CA ASP E 93 -12.85 -6.08 -3.35
C ASP E 93 -13.50 -7.30 -2.70
N LYS E 94 -14.84 -7.35 -2.68
CA LYS E 94 -15.54 -8.50 -2.12
C LYS E 94 -15.07 -9.79 -2.78
N HIS E 95 -14.99 -9.77 -4.11
CA HIS E 95 -14.47 -10.90 -4.87
C HIS E 95 -12.99 -11.22 -4.56
N ILE E 96 -12.16 -10.18 -4.52
CA ILE E 96 -10.76 -10.38 -4.22
C ILE E 96 -10.61 -11.01 -2.83
N ARG E 97 -11.30 -10.44 -1.84
CA ARG E 97 -11.26 -10.93 -0.46
C ARG E 97 -11.74 -12.37 -0.36
N ARG E 98 -12.78 -12.70 -1.13
CA ARG E 98 -13.28 -14.06 -1.21
C ARG E 98 -12.21 -15.00 -1.75
N LEU E 99 -11.67 -14.63 -2.90
CA LEU E 99 -10.69 -15.46 -3.60
C LEU E 99 -9.42 -15.61 -2.79
N ASP E 100 -9.06 -14.55 -2.08
CA ASP E 100 -7.84 -14.51 -1.27
C ASP E 100 -7.93 -15.26 0.06
N THR E 101 -9.10 -15.76 0.41
CA THR E 101 -9.23 -16.51 1.66
C THR E 101 -9.90 -17.87 1.45
N ASP E 102 -9.94 -18.32 0.21
CA ASP E 102 -10.34 -19.69 -0.09
C ASP E 102 -9.21 -20.61 0.39
N LEU E 103 -9.54 -21.48 1.34
CA LEU E 103 -8.60 -22.46 1.95
C LEU E 103 -7.48 -21.84 2.77
N TYR F 9 13.19 -23.83 -0.48
CA TYR F 9 13.40 -22.47 -0.95
C TYR F 9 12.15 -21.58 -0.80
N LEU F 10 11.80 -21.21 0.43
CA LEU F 10 12.54 -21.56 1.65
C LEU F 10 11.81 -22.63 2.45
N ASP F 11 11.07 -23.48 1.74
CA ASP F 11 10.35 -24.60 2.33
C ASP F 11 11.27 -25.79 2.61
N SER F 12 12.46 -25.52 3.14
CA SER F 12 13.34 -26.57 3.61
C SER F 12 12.81 -27.07 4.96
N ILE F 13 12.84 -28.38 5.15
CA ILE F 13 12.29 -28.98 6.35
C ILE F 13 13.09 -28.54 7.58
N GLU F 14 14.37 -28.25 7.37
CA GLU F 14 15.27 -27.88 8.45
C GLU F 14 14.93 -26.50 9.02
N ASN F 15 14.22 -25.71 8.23
CA ASN F 15 13.81 -24.38 8.66
C ASN F 15 12.41 -24.33 9.27
N LEU F 16 11.69 -25.45 9.24
CA LEU F 16 10.30 -25.44 9.71
C LEU F 16 10.13 -25.05 11.17
N PRO F 17 10.92 -25.63 12.11
CA PRO F 17 10.78 -25.19 13.50
C PRO F 17 10.96 -23.68 13.65
N PHE F 18 12.02 -23.12 13.09
CA PHE F 18 12.20 -21.67 13.05
C PHE F 18 10.99 -20.93 12.46
N GLU F 19 10.51 -21.37 11.30
CA GLU F 19 9.37 -20.73 10.65
C GLU F 19 8.06 -20.81 11.44
N LEU F 20 7.77 -22.00 11.96
CA LEU F 20 6.57 -22.20 12.75
C LEU F 20 6.53 -21.23 13.92
N GLN F 21 7.61 -21.17 14.69
CA GLN F 21 7.58 -20.29 15.86
C GLN F 21 7.65 -18.83 15.41
N ARG F 22 8.27 -18.58 14.26
CA ARG F 22 8.30 -17.21 13.74
C ARG F 22 6.88 -16.68 13.47
N ASN F 23 6.07 -17.50 12.81
CA ASN F 23 4.67 -17.14 12.55
C ASN F 23 3.88 -17.05 13.83
N PHE F 24 4.16 -17.94 14.76
CA PHE F 24 3.42 -17.95 16.00
C PHE F 24 3.66 -16.65 16.75
N GLN F 25 4.88 -16.11 16.65
CA GLN F 25 5.18 -14.84 17.30
C GLN F 25 4.61 -13.63 16.54
N LEU F 26 4.59 -13.67 15.21
CA LEU F 26 3.90 -12.63 14.44
C LEU F 26 2.45 -12.59 14.90
N MSE F 27 1.86 -13.77 15.05
CA MSE F 27 0.48 -13.88 15.48
C MSE F 27 0.26 -13.28 16.87
O MSE F 27 -0.78 -12.68 17.13
CB MSE F 27 0.04 -15.35 15.45
CG MSE F 27 -1.40 -15.54 15.85
SE MSE F 27 -2.60 -14.88 14.46
CE MSE F 27 -2.37 -16.34 13.17
N ARG F 28 1.22 -13.45 17.79
CA ARG F 28 1.10 -12.91 19.14
C ARG F 28 1.14 -11.40 19.11
N ASP F 29 1.97 -10.85 18.23
CA ASP F 29 2.03 -9.41 18.00
C ASP F 29 0.69 -8.88 17.44
N LEU F 30 0.06 -9.64 16.57
CA LEU F 30 -1.16 -9.16 15.93
C LEU F 30 -2.27 -9.20 16.97
N ASP F 31 -2.26 -10.23 17.81
CA ASP F 31 -3.21 -10.36 18.90
C ASP F 31 -3.06 -9.29 19.96
N GLN F 32 -1.82 -8.91 20.25
CA GLN F 32 -1.58 -7.81 21.16
C GLN F 32 -2.27 -6.56 20.59
N ARG F 33 -2.11 -6.35 19.28
CA ARG F 33 -2.69 -5.18 18.63
C ARG F 33 -4.21 -5.20 18.76
N THR F 34 -4.82 -6.33 18.43
CA THR F 34 -6.27 -6.39 18.47
C THR F 34 -6.76 -6.39 19.90
N GLU F 35 -5.94 -6.91 20.82
CA GLU F 35 -6.28 -6.90 22.24
C GLU F 35 -6.44 -5.44 22.72
N ASP F 36 -5.42 -4.62 22.45
CA ASP F 36 -5.44 -3.21 22.86
C ASP F 36 -6.63 -2.47 22.26
N LEU F 37 -6.82 -2.67 20.95
CA LEU F 37 -7.94 -2.08 20.25
C LEU F 37 -9.28 -2.45 20.87
N LYS F 38 -9.42 -3.71 21.27
CA LYS F 38 -10.67 -4.15 21.89
C LYS F 38 -10.89 -3.46 23.25
N ALA F 39 -9.83 -3.38 24.05
CA ALA F 39 -9.89 -2.58 25.27
C ALA F 39 -10.29 -1.14 24.98
N GLU F 40 -9.76 -0.55 23.92
CA GLU F 40 -10.15 0.81 23.56
C GLU F 40 -11.63 0.89 23.19
N ILE F 41 -12.06 -0.04 22.34
CA ILE F 41 -13.42 -0.09 21.82
C ILE F 41 -14.42 -0.25 22.96
N ASP F 42 -14.01 -1.01 23.97
CA ASP F 42 -14.84 -1.27 25.15
C ASP F 42 -15.02 0.00 25.97
N LYS F 43 -13.94 0.75 26.18
CA LYS F 43 -14.03 2.04 26.86
C LYS F 43 -14.91 3.04 26.10
N LEU F 44 -14.75 3.09 24.77
CA LEU F 44 -15.54 4.04 23.97
C LEU F 44 -17.00 3.64 23.96
N ALA F 45 -17.25 2.35 23.70
CA ALA F 45 -18.62 1.84 23.70
C ALA F 45 -19.31 2.07 25.04
N THR F 46 -18.61 1.78 26.14
CA THR F 46 -19.14 2.00 27.49
C THR F 46 -19.46 3.47 27.77
N GLU F 47 -18.63 4.37 27.27
CA GLU F 47 -18.92 5.79 27.44
C GLU F 47 -20.15 6.21 26.64
N TYR F 48 -20.23 5.72 25.41
CA TYR F 48 -21.38 6.00 24.55
C TYR F 48 -22.70 5.54 25.18
N MSE F 49 -22.69 4.37 25.79
CA MSE F 49 -23.91 3.80 26.36
C MSE F 49 -24.37 4.50 27.63
O MSE F 49 -25.55 4.47 27.96
CB MSE F 49 -23.76 2.29 26.61
CG MSE F 49 -23.47 1.51 25.33
SE MSE F 49 -23.19 -0.39 25.63
CE MSE F 49 -22.08 -0.77 24.07
N SER F 50 -23.44 5.13 28.34
CA SER F 50 -23.80 5.88 29.54
C SER F 50 -23.64 7.40 29.36
N SER F 51 -24.32 7.92 28.33
CA SER F 51 -24.34 9.35 28.03
C SER F 51 -25.38 9.66 26.95
N LEU F 55 -26.99 12.99 26.59
CA LEU F 55 -26.66 12.94 25.17
C LEU F 55 -25.58 13.92 24.75
N SER F 56 -25.84 14.60 23.63
CA SER F 56 -25.01 15.64 22.96
C SER F 56 -24.60 15.17 21.58
N SER F 57 -25.27 15.70 20.56
CA SER F 57 -25.12 15.21 19.19
C SER F 57 -23.68 15.22 18.68
N GLU F 58 -22.90 16.22 19.08
CA GLU F 58 -21.49 16.32 18.68
C GLU F 58 -20.63 15.29 19.39
N GLU F 59 -20.84 15.15 20.69
CA GLU F 59 -20.02 14.29 21.51
C GLU F 59 -20.24 12.84 21.12
N LYS F 60 -21.49 12.49 20.88
CA LYS F 60 -21.81 11.12 20.54
C LYS F 60 -21.24 10.81 19.15
N LEU F 61 -21.42 11.75 18.21
CA LEU F 61 -20.85 11.58 16.88
C LEU F 61 -19.34 11.36 16.94
N ALA F 62 -18.64 12.21 17.68
CA ALA F 62 -17.20 12.08 17.83
C ALA F 62 -16.82 10.73 18.44
N LEU F 63 -17.65 10.25 19.36
CA LEU F 63 -17.44 8.95 19.98
C LEU F 63 -17.62 7.78 19.00
N LEU F 64 -18.63 7.90 18.15
CA LEU F 64 -18.85 6.90 17.10
C LEU F 64 -17.68 6.86 16.12
N LYS F 65 -17.18 8.03 15.72
CA LYS F 65 -16.04 8.08 14.82
C LYS F 65 -14.84 7.33 15.40
N GLN F 66 -14.60 7.47 16.70
CA GLN F 66 -13.49 6.74 17.33
C GLN F 66 -13.78 5.24 17.36
N ILE F 67 -15.01 4.89 17.70
CA ILE F 67 -15.39 3.49 17.71
C ILE F 67 -15.17 2.89 16.33
N GLN F 68 -15.63 3.60 15.30
CA GLN F 68 -15.52 3.11 13.93
C GLN F 68 -14.06 2.92 13.50
N GLU F 69 -13.24 3.91 13.77
CA GLU F 69 -11.83 3.89 13.41
C GLU F 69 -11.16 2.66 14.02
N ALA F 70 -11.45 2.43 15.31
CA ALA F 70 -10.88 1.32 16.03
C ALA F 70 -11.33 0.01 15.40
N TYR F 71 -12.59 -0.06 15.00
CA TYR F 71 -13.11 -1.26 14.34
C TYR F 71 -12.49 -1.50 12.96
N GLY F 72 -12.31 -0.44 12.20
CA GLY F 72 -11.58 -0.50 10.94
C GLY F 72 -10.19 -1.08 11.13
N LYS F 73 -9.48 -0.59 12.14
CA LYS F 73 -8.12 -1.05 12.41
C LYS F 73 -8.10 -2.50 12.85
N CYS F 74 -9.10 -2.85 13.65
CA CYS F 74 -9.23 -4.21 14.15
C CYS F 74 -9.54 -5.18 13.01
N LYS F 75 -10.50 -4.84 12.19
CA LYS F 75 -10.76 -5.58 10.95
C LYS F 75 -9.47 -5.78 10.11
N GLU F 76 -8.63 -4.75 9.96
CA GLU F 76 -7.43 -4.89 9.15
C GLU F 76 -6.41 -5.85 9.79
N PHE F 77 -6.29 -5.81 11.10
CA PHE F 77 -5.43 -6.76 11.79
C PHE F 77 -6.02 -8.17 11.72
N GLY F 78 -7.34 -8.25 11.70
CA GLY F 78 -8.00 -9.53 11.55
C GLY F 78 -7.63 -10.11 10.20
N ASP F 79 -7.70 -9.28 9.16
CA ASP F 79 -7.25 -9.68 7.83
C ASP F 79 -5.83 -10.25 7.89
N ASP F 80 -4.94 -9.56 8.59
CA ASP F 80 -3.55 -10.00 8.70
C ASP F 80 -3.48 -11.38 9.34
N LYS F 81 -4.29 -11.59 10.36
CA LYS F 81 -4.28 -12.85 11.08
C LYS F 81 -4.74 -14.01 10.22
N VAL F 82 -5.77 -13.78 9.42
CA VAL F 82 -6.27 -14.75 8.45
C VAL F 82 -5.20 -15.09 7.41
N GLN F 83 -4.52 -14.06 6.90
CA GLN F 83 -3.43 -14.29 5.95
C GLN F 83 -2.30 -15.10 6.57
N LEU F 84 -2.00 -14.83 7.84
CA LEU F 84 -0.92 -15.54 8.54
C LEU F 84 -1.31 -16.99 8.79
N ALA F 85 -2.55 -17.22 9.23
CA ALA F 85 -3.04 -18.58 9.43
C ALA F 85 -2.92 -19.35 8.13
N MSE F 86 -3.36 -18.75 7.03
CA MSE F 86 -3.32 -19.42 5.73
C MSE F 86 -1.91 -19.76 5.27
O MSE F 86 -1.66 -20.86 4.76
CB MSE F 86 -3.95 -18.55 4.66
CG MSE F 86 -5.44 -18.38 4.82
SE MSE F 86 -6.17 -17.30 3.36
CE MSE F 86 -5.70 -18.47 1.85
N GLN F 87 -1.01 -18.80 5.42
CA GLN F 87 0.37 -18.94 5.02
C GLN F 87 1.01 -20.12 5.75
N THR F 88 0.71 -20.21 7.04
CA THR F 88 1.17 -21.31 7.89
C THR F 88 0.52 -22.64 7.48
N TYR F 89 -0.77 -22.60 7.19
CA TYR F 89 -1.49 -23.75 6.74
C TYR F 89 -0.84 -24.27 5.45
N GLU F 90 -0.71 -23.39 4.46
CA GLU F 90 -0.07 -23.74 3.19
C GLU F 90 1.38 -24.24 3.34
N MSE F 91 2.15 -23.59 4.20
CA MSE F 91 3.55 -23.98 4.39
C MSE F 91 3.69 -25.38 4.99
O MSE F 91 4.49 -26.20 4.52
CB MSE F 91 4.26 -23.00 5.29
CG MSE F 91 5.59 -23.51 5.78
SE MSE F 91 6.45 -22.17 6.92
CE MSE F 91 5.24 -22.23 8.47
N VAL F 92 2.91 -25.62 6.04
CA VAL F 92 2.84 -26.95 6.63
C VAL F 92 2.36 -27.95 5.58
N ASP F 93 1.35 -27.56 4.81
CA ASP F 93 0.82 -28.42 3.77
C ASP F 93 1.91 -28.92 2.82
N LYS F 94 2.86 -28.07 2.48
CA LYS F 94 3.94 -28.47 1.58
C LYS F 94 4.79 -29.58 2.20
N HIS F 95 5.15 -29.41 3.48
CA HIS F 95 5.92 -30.41 4.18
C HIS F 95 5.14 -31.71 4.41
N ILE F 96 3.84 -31.59 4.64
CA ILE F 96 2.98 -32.77 4.75
C ILE F 96 3.04 -33.55 3.45
N ARG F 97 2.88 -32.86 2.32
CA ARG F 97 2.97 -33.52 1.03
C ARG F 97 4.32 -34.20 0.79
N ARG F 98 5.42 -33.55 1.19
CA ARG F 98 6.74 -34.18 1.05
C ARG F 98 6.83 -35.41 1.94
N LEU F 99 6.22 -35.35 3.12
CA LEU F 99 6.16 -36.52 3.98
C LEU F 99 5.42 -37.66 3.27
N ASP F 100 4.19 -37.38 2.84
CA ASP F 100 3.32 -38.33 2.13
C ASP F 100 4.05 -39.09 1.04
N THR F 101 4.88 -38.36 0.31
CA THR F 101 5.69 -38.93 -0.76
C THR F 101 6.53 -40.13 -0.30
N ASP F 102 7.08 -40.07 0.91
CA ASP F 102 7.85 -41.17 1.47
C ASP F 102 6.93 -42.27 2.04
#